data_6CSP
#
_entry.id   6CSP
#
_cell.length_a   74.700
_cell.length_b   91.830
_cell.length_c   96.549
_cell.angle_alpha   90.000
_cell.angle_beta   90.000
_cell.angle_gamma   90.000
#
_symmetry.space_group_name_H-M   'P 21 21 21'
#
loop_
_entity.id
_entity.type
_entity.pdbx_description
1 polymer 'Hdac6 protein'
2 non-polymer 'ZINC ION'
3 non-polymer 'POTASSIUM ION'
4 non-polymer 'CHLORIDE ION'
5 non-polymer N-hydroxycyclohex-1-ene-1-carboxamide
6 non-polymer 1,2-ETHANEDIOL
7 non-polymer DI(HYDROXYETHYL)ETHER
8 water water
#
_entity_poly.entity_id   1
_entity_poly.type   'polypeptide(L)'
_entity_poly.pdbx_seq_one_letter_code
;SNAGGSSPITGLVYDQRMMLHHNMWDSHHPELPQRISRIFSRHEELRLLSRCHRIPARLATEEELALCHSSKHISIIKSS
EHMKPRDLNRLGDEYNSIFISNESYTCALLAAGSCFNSAQAILTGQVRNAVAIVRPPGHHAEKDTACGFCFFNTAALTAR
YAQSITRESLRVLIVDWDVHHGNGTQHIFEEDDSVLYISLHRYEDGAFFPNSEDANYDKVGLGKGRGYNVNIPWNGGKMG
DPEYMAAFHHLVMPIAREFAPELVLVSAGFDAARGDPLGGFQVTPEGYAHLTHQLMSLAAGRVLIILEGGYNLTSISESM
SMCTSMLLGDSPPSLDHLTPLKTSATVSINNVLRAHAPFWSSLR
;
_entity_poly.pdbx_strand_id   A,B
#
loop_
_chem_comp.id
_chem_comp.type
_chem_comp.name
_chem_comp.formula
CL non-polymer 'CHLORIDE ION' 'Cl -1'
EDO non-polymer 1,2-ETHANEDIOL 'C2 H6 O2'
FBM non-polymer N-hydroxycyclohex-1-ene-1-carboxamide 'C7 H11 N O2'
K non-polymer 'POTASSIUM ION' 'K 1'
PEG non-polymer DI(HYDROXYETHYL)ETHER 'C4 H10 O3'
ZN non-polymer 'ZINC ION' 'Zn 2'
#
# COMPACT_ATOMS: atom_id res chain seq x y z
N ILE A 9 -16.25 -29.53 3.78
CA ILE A 9 -15.53 -30.18 2.66
C ILE A 9 -14.11 -29.60 2.43
N THR A 10 -13.11 -30.47 2.21
CA THR A 10 -11.75 -30.09 1.85
C THR A 10 -11.50 -30.41 0.38
N GLY A 11 -11.08 -29.41 -0.40
CA GLY A 11 -10.68 -29.64 -1.77
C GLY A 11 -9.24 -30.12 -1.89
N LEU A 12 -8.99 -30.86 -2.95
CA LEU A 12 -7.64 -31.29 -3.30
C LEU A 12 -7.46 -31.20 -4.80
N VAL A 13 -6.36 -30.56 -5.22
CA VAL A 13 -5.98 -30.49 -6.63
C VAL A 13 -4.62 -31.14 -6.80
N TYR A 14 -4.54 -32.03 -7.79
CA TYR A 14 -3.33 -32.70 -8.20
C TYR A 14 -3.52 -33.10 -9.65
N ASP A 15 -2.51 -32.87 -10.49
CA ASP A 15 -2.60 -33.29 -11.88
C ASP A 15 -1.22 -33.79 -12.28
N GLN A 16 -1.15 -35.04 -12.73
CA GLN A 16 0.13 -35.64 -13.06
C GLN A 16 0.86 -34.92 -14.20
N ARG A 17 0.15 -34.11 -14.99
N ARG A 17 0.15 -34.11 -14.99
CA ARG A 17 0.84 -33.37 -16.03
CA ARG A 17 0.82 -33.35 -16.04
C ARG A 17 1.93 -32.47 -15.48
C ARG A 17 1.89 -32.42 -15.49
N MET A 18 1.78 -32.00 -14.23
CA MET A 18 2.81 -31.14 -13.64
C MET A 18 4.13 -31.87 -13.40
N MET A 19 4.15 -33.19 -13.53
CA MET A 19 5.39 -33.94 -13.48
C MET A 19 6.25 -33.75 -14.72
N LEU A 20 5.70 -33.19 -15.81
CA LEU A 20 6.44 -33.19 -17.07
C LEU A 20 7.59 -32.20 -17.10
N HIS A 21 7.53 -31.14 -16.29
CA HIS A 21 8.66 -30.25 -16.07
C HIS A 21 9.83 -31.02 -15.49
N HIS A 22 10.98 -30.99 -16.14
CA HIS A 22 12.08 -31.82 -15.69
C HIS A 22 13.41 -31.20 -16.10
N ASN A 23 14.47 -31.70 -15.46
CA ASN A 23 15.83 -31.23 -15.68
C ASN A 23 16.50 -32.21 -16.62
N MET A 24 16.67 -31.83 -17.88
N MET A 24 16.75 -31.75 -17.85
CA MET A 24 17.15 -32.80 -18.86
CA MET A 24 17.29 -32.64 -18.88
C MET A 24 18.64 -33.06 -18.78
C MET A 24 18.74 -33.04 -18.59
N TRP A 25 19.39 -32.29 -17.98
N TRP A 25 19.54 -32.12 -18.03
CA TRP A 25 20.82 -32.52 -17.82
CA TRP A 25 20.94 -32.44 -17.76
C TRP A 25 21.18 -33.13 -16.48
C TRP A 25 21.11 -33.28 -16.51
N ASP A 26 20.28 -33.03 -15.48
CA ASP A 26 20.50 -33.57 -14.14
C ASP A 26 19.16 -34.15 -13.68
N SER A 27 18.91 -35.42 -14.05
CA SER A 27 17.65 -36.03 -13.70
C SER A 27 17.48 -36.27 -12.21
N HIS A 28 18.56 -36.13 -11.43
CA HIS A 28 18.50 -36.22 -9.97
C HIS A 28 18.42 -34.88 -9.27
N HIS A 29 18.21 -33.80 -10.00
CA HIS A 29 18.04 -32.51 -9.36
C HIS A 29 16.90 -32.61 -8.35
N PRO A 30 17.03 -32.00 -7.17
CA PRO A 30 16.06 -32.25 -6.10
C PRO A 30 14.63 -31.81 -6.38
N GLU A 31 14.39 -30.86 -7.28
CA GLU A 31 13.03 -30.42 -7.58
C GLU A 31 12.44 -31.41 -8.58
N LEU A 32 12.14 -32.62 -8.07
CA LEU A 32 11.81 -33.78 -8.87
C LEU A 32 10.33 -33.82 -9.27
N PRO A 33 10.05 -34.35 -10.47
CA PRO A 33 8.66 -34.68 -10.83
C PRO A 33 7.94 -35.44 -9.74
N GLN A 34 8.60 -36.42 -9.14
CA GLN A 34 7.93 -37.27 -8.17
C GLN A 34 7.66 -36.61 -6.84
N ARG A 35 8.08 -35.36 -6.63
CA ARG A 35 7.65 -34.67 -5.42
C ARG A 35 6.13 -34.68 -5.32
N ILE A 36 5.44 -34.39 -6.41
CA ILE A 36 3.98 -34.26 -6.36
C ILE A 36 3.32 -35.63 -6.37
N SER A 37 3.82 -36.58 -7.17
CA SER A 37 3.20 -37.89 -7.17
C SER A 37 3.39 -38.58 -5.82
N ARG A 38 4.51 -38.34 -5.15
CA ARG A 38 4.72 -38.95 -3.85
C ARG A 38 3.75 -38.39 -2.81
N ILE A 39 3.55 -37.08 -2.81
CA ILE A 39 2.60 -36.50 -1.87
C ILE A 39 1.21 -37.06 -2.13
N PHE A 40 0.81 -37.13 -3.41
CA PHE A 40 -0.50 -37.66 -3.77
C PHE A 40 -0.62 -39.11 -3.32
N SER A 41 0.42 -39.92 -3.56
CA SER A 41 0.38 -41.30 -3.13
C SER A 41 0.20 -41.42 -1.64
N ARG A 42 0.87 -40.58 -0.85
CA ARG A 42 0.72 -40.70 0.60
C ARG A 42 -0.71 -40.37 1.02
N HIS A 43 -1.36 -39.42 0.32
CA HIS A 43 -2.77 -39.12 0.61
C HIS A 43 -3.64 -40.35 0.34
N GLU A 44 -3.40 -41.04 -0.78
N GLU A 44 -3.38 -41.07 -0.74
CA GLU A 44 -4.10 -42.28 -1.08
CA GLU A 44 -4.19 -42.26 -1.00
C GLU A 44 -3.88 -43.30 0.03
C GLU A 44 -3.88 -43.36 0.01
N GLU A 45 -2.61 -43.52 0.38
CA GLU A 45 -2.20 -44.57 1.29
C GLU A 45 -2.77 -44.38 2.68
N LEU A 46 -2.89 -43.12 3.13
CA LEU A 46 -3.50 -42.79 4.40
C LEU A 46 -5.03 -42.64 4.31
N ARG A 47 -5.62 -42.87 3.13
CA ARG A 47 -7.08 -42.78 2.94
C ARG A 47 -7.60 -41.38 3.15
N LEU A 48 -6.75 -40.40 2.90
CA LEU A 48 -7.18 -39.00 2.93
C LEU A 48 -7.79 -38.56 1.61
N LEU A 49 -7.32 -39.13 0.51
CA LEU A 49 -7.76 -38.66 -0.80
C LEU A 49 -9.27 -38.80 -0.97
N SER A 50 -9.83 -39.94 -0.58
N SER A 50 -9.82 -39.95 -0.60
CA SER A 50 -11.25 -40.17 -0.76
CA SER A 50 -11.26 -40.17 -0.78
C SER A 50 -12.09 -39.28 0.14
C SER A 50 -12.09 -39.28 0.14
N ARG A 51 -11.48 -38.69 1.17
CA ARG A 51 -12.18 -37.77 2.05
C ARG A 51 -12.24 -36.36 1.52
N CYS A 52 -11.52 -36.08 0.44
CA CYS A 52 -11.47 -34.75 -0.17
C CYS A 52 -12.30 -34.71 -1.43
N HIS A 53 -12.72 -33.51 -1.79
CA HIS A 53 -13.38 -33.28 -3.05
C HIS A 53 -12.33 -32.86 -4.07
N ARG A 54 -12.23 -33.60 -5.17
CA ARG A 54 -11.22 -33.32 -6.17
C ARG A 54 -11.59 -32.07 -6.98
N ILE A 55 -10.66 -31.12 -7.04
CA ILE A 55 -10.80 -29.90 -7.81
C ILE A 55 -9.91 -30.04 -9.03
N PRO A 56 -10.39 -29.75 -10.25
CA PRO A 56 -9.54 -29.94 -11.42
C PRO A 56 -8.49 -28.86 -11.57
N ALA A 57 -7.37 -29.24 -12.18
CA ALA A 57 -6.39 -28.26 -12.62
C ALA A 57 -6.87 -27.61 -13.90
N ARG A 58 -6.35 -26.42 -14.15
CA ARG A 58 -6.52 -25.77 -15.43
C ARG A 58 -5.28 -24.92 -15.67
N LEU A 59 -5.11 -24.48 -16.91
CA LEU A 59 -4.09 -23.50 -17.22
C LEU A 59 -4.51 -22.11 -16.75
N ALA A 60 -3.60 -21.42 -16.07
CA ALA A 60 -3.71 -19.97 -15.98
C ALA A 60 -3.67 -19.36 -17.37
N THR A 61 -4.41 -18.27 -17.57
CA THR A 61 -4.34 -17.52 -18.82
C THR A 61 -3.22 -16.49 -18.75
N GLU A 62 -2.80 -16.00 -19.91
CA GLU A 62 -1.80 -14.94 -19.93
C GLU A 62 -2.31 -13.68 -19.23
N GLU A 63 -3.61 -13.40 -19.36
N GLU A 63 -3.60 -13.38 -19.38
CA GLU A 63 -4.18 -12.28 -18.66
CA GLU A 63 -4.18 -12.26 -18.65
C GLU A 63 -4.08 -12.45 -17.15
C GLU A 63 -4.03 -12.46 -17.14
N GLU A 64 -4.28 -13.68 -16.66
CA GLU A 64 -4.11 -13.94 -15.24
C GLU A 64 -2.65 -13.77 -14.82
N LEU A 65 -1.70 -14.27 -15.62
CA LEU A 65 -0.30 -14.09 -15.25
C LEU A 65 0.05 -12.60 -15.11
N ALA A 66 -0.56 -11.75 -15.93
CA ALA A 66 -0.30 -10.32 -15.90
C ALA A 66 -0.79 -9.65 -14.63
N LEU A 67 -1.56 -10.35 -13.79
CA LEU A 67 -1.90 -9.79 -12.49
C LEU A 67 -0.66 -9.49 -11.65
N CYS A 68 0.41 -10.28 -11.84
CA CYS A 68 1.63 -10.07 -11.10
C CYS A 68 2.88 -9.95 -11.93
N HIS A 69 2.88 -10.40 -13.19
CA HIS A 69 4.12 -10.52 -13.94
C HIS A 69 4.14 -9.58 -15.14
N SER A 70 5.35 -9.20 -15.52
CA SER A 70 5.54 -8.29 -16.65
C SER A 70 5.29 -9.03 -17.96
N SER A 71 4.94 -8.26 -18.98
CA SER A 71 4.69 -8.87 -20.29
C SER A 71 5.97 -9.49 -20.85
N LYS A 72 7.12 -8.87 -20.58
CA LYS A 72 8.38 -9.44 -21.06
C LYS A 72 8.64 -10.81 -20.44
N HIS A 73 8.46 -10.93 -19.12
CA HIS A 73 8.75 -12.19 -18.46
C HIS A 73 7.81 -13.28 -18.95
N ILE A 74 6.52 -12.97 -19.05
CA ILE A 74 5.56 -13.94 -19.55
C ILE A 74 5.98 -14.41 -20.92
N SER A 75 6.36 -13.45 -21.79
N SER A 75 6.37 -13.47 -21.79
CA SER A 75 6.73 -13.78 -23.17
CA SER A 75 6.68 -13.83 -23.17
C SER A 75 7.92 -14.72 -23.22
C SER A 75 7.94 -14.68 -23.28
N ILE A 76 8.93 -14.48 -22.39
CA ILE A 76 10.15 -15.28 -22.46
C ILE A 76 9.87 -16.70 -22.01
N ILE A 77 9.20 -16.85 -20.87
CA ILE A 77 8.89 -18.20 -20.42
C ILE A 77 7.96 -18.91 -21.40
N LYS A 78 6.98 -18.19 -21.95
CA LYS A 78 6.11 -18.79 -22.96
C LYS A 78 6.93 -19.30 -24.14
N SER A 79 7.92 -18.53 -24.58
CA SER A 79 8.69 -18.92 -25.75
C SER A 79 9.49 -20.19 -25.50
N SER A 80 9.76 -20.52 -24.24
CA SER A 80 10.58 -21.69 -23.97
C SER A 80 9.91 -22.98 -24.38
N GLU A 81 8.59 -22.97 -24.54
CA GLU A 81 7.87 -24.20 -24.87
C GLU A 81 8.30 -24.82 -26.20
N HIS A 82 8.82 -24.00 -27.12
N HIS A 82 8.84 -24.02 -27.12
CA HIS A 82 9.19 -24.44 -28.45
CA HIS A 82 9.22 -24.54 -28.43
C HIS A 82 10.69 -24.26 -28.70
C HIS A 82 10.72 -24.42 -28.68
N MET A 83 11.50 -24.18 -27.63
CA MET A 83 12.93 -24.04 -27.75
C MET A 83 13.62 -25.41 -27.79
N LYS A 84 14.72 -25.47 -28.53
N LYS A 84 14.81 -25.44 -28.39
CA LYS A 84 15.56 -26.65 -28.52
CA LYS A 84 15.60 -26.67 -28.49
C LYS A 84 16.44 -26.59 -27.28
C LYS A 84 16.29 -26.98 -27.16
N PRO A 85 16.96 -27.73 -26.83
N PRO A 85 16.76 -28.22 -26.98
CA PRO A 85 17.77 -27.74 -25.61
CA PRO A 85 17.29 -28.63 -25.66
C PRO A 85 18.82 -26.63 -25.53
C PRO A 85 18.55 -27.90 -25.22
N ARG A 86 19.49 -26.32 -26.64
N ARG A 86 19.56 -27.79 -26.11
CA ARG A 86 20.50 -25.26 -26.60
CA ARG A 86 20.75 -27.02 -25.75
C ARG A 86 19.88 -23.95 -26.12
C ARG A 86 20.40 -25.57 -25.47
N ASP A 87 18.72 -23.59 -26.67
N ASP A 87 19.37 -25.04 -26.12
CA ASP A 87 18.03 -22.40 -26.18
CA ASP A 87 19.00 -23.64 -25.95
C ASP A 87 17.61 -22.56 -24.73
C ASP A 87 18.25 -23.40 -24.66
N LEU A 88 17.26 -23.79 -24.32
N LEU A 88 17.32 -24.29 -24.31
CA LEU A 88 16.71 -24.05 -22.99
CA LEU A 88 16.69 -24.22 -23.00
C LEU A 88 17.79 -24.04 -21.92
C LEU A 88 17.74 -24.13 -21.91
N ASN A 89 18.89 -24.78 -22.12
CA ASN A 89 19.98 -24.76 -21.15
C ASN A 89 20.52 -23.34 -21.00
N ARG A 90 20.77 -22.67 -22.13
CA ARG A 90 21.30 -21.30 -22.08
C ARG A 90 20.32 -20.37 -21.36
N LEU A 91 19.03 -20.45 -21.71
CA LEU A 91 18.06 -19.57 -21.07
C LEU A 91 17.99 -19.83 -19.57
N GLY A 92 17.87 -21.09 -19.17
CA GLY A 92 17.78 -21.38 -17.75
C GLY A 92 18.98 -20.86 -16.98
N ASP A 93 20.17 -21.01 -17.56
CA ASP A 93 21.39 -20.53 -16.92
C ASP A 93 21.44 -19.01 -16.79
N GLU A 94 20.57 -18.26 -17.48
N GLU A 94 20.55 -18.28 -17.47
CA GLU A 94 20.51 -16.82 -17.29
CA GLU A 94 20.47 -16.83 -17.32
C GLU A 94 19.90 -16.44 -15.95
C GLU A 94 19.74 -16.38 -16.06
N TYR A 95 19.07 -17.30 -15.36
CA TYR A 95 18.41 -17.02 -14.10
C TYR A 95 19.24 -17.60 -12.96
N ASN A 96 18.90 -17.19 -11.76
CA ASN A 96 19.45 -17.81 -10.55
C ASN A 96 18.67 -19.09 -10.24
N SER A 97 19.30 -20.25 -10.41
CA SER A 97 18.78 -21.53 -9.96
C SER A 97 17.49 -21.93 -10.66
N ILE A 98 17.57 -22.06 -11.98
CA ILE A 98 16.43 -22.45 -12.83
C ILE A 98 16.89 -23.48 -13.85
N PHE A 99 16.11 -24.55 -14.01
CA PHE A 99 16.19 -25.41 -15.17
C PHE A 99 14.84 -25.37 -15.90
N ILE A 100 14.90 -25.57 -17.22
CA ILE A 100 13.74 -25.43 -18.09
C ILE A 100 13.71 -26.59 -19.08
N SER A 101 12.53 -27.16 -19.28
CA SER A 101 12.24 -28.10 -20.34
C SER A 101 11.07 -27.56 -21.16
N ASN A 102 10.73 -28.22 -22.28
N ASN A 102 10.72 -28.24 -22.27
CA ASN A 102 9.66 -27.66 -23.11
CA ASN A 102 9.67 -27.71 -23.13
C ASN A 102 8.33 -27.65 -22.40
C ASN A 102 8.28 -27.84 -22.53
N GLU A 103 8.16 -28.46 -21.36
CA GLU A 103 6.91 -28.54 -20.62
C GLU A 103 6.84 -27.57 -19.45
N SER A 104 7.92 -26.84 -19.15
CA SER A 104 7.95 -26.04 -17.93
C SER A 104 6.87 -24.97 -17.92
N TYR A 105 6.71 -24.25 -19.04
CA TYR A 105 5.70 -23.20 -19.11
C TYR A 105 4.32 -23.77 -18.80
N THR A 106 3.94 -24.83 -19.49
CA THR A 106 2.64 -25.46 -19.26
C THR A 106 2.48 -25.87 -17.80
N CYS A 107 3.52 -26.45 -17.21
CA CYS A 107 3.40 -26.89 -15.82
C CYS A 107 3.23 -25.72 -14.87
N ALA A 108 3.94 -24.62 -15.11
CA ALA A 108 3.78 -23.44 -14.28
C ALA A 108 2.37 -22.86 -14.44
N LEU A 109 1.82 -22.90 -15.65
CA LEU A 109 0.45 -22.47 -15.86
C LEU A 109 -0.54 -23.35 -15.10
N LEU A 110 -0.30 -24.66 -15.11
CA LEU A 110 -1.20 -25.58 -14.42
C LEU A 110 -1.11 -25.40 -12.90
N ALA A 111 0.10 -25.15 -12.39
CA ALA A 111 0.22 -24.91 -10.96
C ALA A 111 -0.63 -23.70 -10.55
N ALA A 112 -0.53 -22.62 -11.31
CA ALA A 112 -1.29 -21.42 -11.00
C ALA A 112 -2.78 -21.66 -11.17
N GLY A 113 -3.20 -22.22 -12.31
CA GLY A 113 -4.61 -22.44 -12.56
C GLY A 113 -5.25 -23.37 -11.55
N SER A 114 -4.52 -24.38 -11.11
CA SER A 114 -4.98 -25.27 -10.04
C SER A 114 -5.31 -24.48 -8.79
N CYS A 115 -4.44 -23.55 -8.43
CA CYS A 115 -4.66 -22.75 -7.24
C CYS A 115 -5.79 -21.76 -7.44
N PHE A 116 -5.97 -21.23 -8.66
CA PHE A 116 -7.10 -20.34 -8.92
C PHE A 116 -8.40 -21.11 -8.72
N ASN A 117 -8.50 -22.31 -9.29
CA ASN A 117 -9.72 -23.10 -9.14
C ASN A 117 -9.96 -23.42 -7.67
N SER A 118 -8.89 -23.65 -6.92
CA SER A 118 -9.03 -23.97 -5.50
C SER A 118 -9.52 -22.76 -4.71
N ALA A 119 -8.91 -21.59 -4.97
CA ALA A 119 -9.37 -20.38 -4.29
C ALA A 119 -10.82 -20.06 -4.64
N GLN A 120 -11.19 -20.23 -5.91
CA GLN A 120 -12.57 -20.03 -6.32
C GLN A 120 -13.51 -20.95 -5.57
N ALA A 121 -13.14 -22.23 -5.41
CA ALA A 121 -13.99 -23.18 -4.69
C ALA A 121 -14.17 -22.77 -3.23
N ILE A 122 -13.11 -22.26 -2.61
CA ILE A 122 -13.19 -21.78 -1.23
C ILE A 122 -14.08 -20.54 -1.14
N LEU A 123 -13.85 -19.58 -2.03
CA LEU A 123 -14.52 -18.28 -1.92
C LEU A 123 -15.99 -18.34 -2.30
N THR A 124 -16.38 -19.34 -3.07
CA THR A 124 -17.78 -19.57 -3.40
C THR A 124 -18.46 -20.52 -2.43
N GLY A 125 -17.73 -21.06 -1.45
CA GLY A 125 -18.34 -21.94 -0.49
C GLY A 125 -18.55 -23.35 -0.96
N GLN A 126 -17.98 -23.75 -2.09
CA GLN A 126 -18.03 -25.15 -2.53
C GLN A 126 -17.24 -26.06 -1.59
N VAL A 127 -16.10 -25.58 -1.10
CA VAL A 127 -15.29 -26.27 -0.10
C VAL A 127 -14.96 -25.25 0.98
N ARG A 128 -14.64 -25.74 2.18
N ARG A 128 -14.66 -25.74 2.19
CA ARG A 128 -14.23 -24.82 3.23
CA ARG A 128 -14.23 -24.84 3.25
C ARG A 128 -12.75 -24.49 3.17
C ARG A 128 -12.76 -24.46 3.10
N ASN A 129 -11.93 -25.40 2.66
CA ASN A 129 -10.48 -25.23 2.62
C ASN A 129 -9.96 -26.18 1.55
N ALA A 130 -8.66 -26.11 1.24
CA ALA A 130 -8.15 -26.93 0.15
C ALA A 130 -6.64 -27.06 0.21
N VAL A 131 -6.13 -28.06 -0.51
N VAL A 131 -6.13 -28.11 -0.44
CA VAL A 131 -4.71 -28.36 -0.63
CA VAL A 131 -4.70 -28.30 -0.66
C VAL A 131 -4.35 -28.53 -2.10
C VAL A 131 -4.43 -28.37 -2.14
N ALA A 132 -3.25 -27.90 -2.52
CA ALA A 132 -2.82 -27.86 -3.91
C ALA A 132 -1.45 -28.51 -4.01
N ILE A 133 -1.40 -29.67 -4.63
CA ILE A 133 -0.18 -30.48 -4.77
C ILE A 133 0.39 -30.15 -6.15
N VAL A 134 1.19 -29.07 -6.21
CA VAL A 134 1.58 -28.45 -7.47
C VAL A 134 3.09 -28.27 -7.54
N ARG A 135 3.61 -28.28 -8.76
CA ARG A 135 4.98 -27.87 -9.08
C ARG A 135 4.98 -27.40 -10.52
N PRO A 136 5.98 -26.62 -10.93
CA PRO A 136 7.06 -26.02 -10.13
C PRO A 136 6.54 -25.04 -9.09
N PRO A 137 7.37 -24.73 -8.09
CA PRO A 137 6.99 -23.79 -7.03
C PRO A 137 6.95 -22.35 -7.55
N GLY A 138 6.57 -21.43 -6.67
CA GLY A 138 6.30 -20.06 -7.05
C GLY A 138 6.99 -18.93 -6.30
N HIS A 139 7.34 -19.11 -5.01
CA HIS A 139 7.52 -17.93 -4.16
C HIS A 139 8.77 -17.11 -4.42
N HIS A 140 9.76 -17.63 -5.16
CA HIS A 140 10.92 -16.84 -5.56
C HIS A 140 10.69 -16.08 -6.86
N ALA A 141 9.63 -16.37 -7.60
CA ALA A 141 9.40 -15.69 -8.87
C ALA A 141 9.02 -14.23 -8.60
N GLU A 142 9.67 -13.34 -9.35
CA GLU A 142 9.46 -11.91 -9.27
C GLU A 142 8.55 -11.46 -10.38
N LYS A 143 8.10 -10.21 -10.30
N LYS A 143 8.11 -10.19 -10.31
CA LYS A 143 7.31 -9.64 -11.40
CA LYS A 143 7.32 -9.63 -11.39
C LYS A 143 7.97 -9.92 -12.74
C LYS A 143 7.96 -9.85 -12.75
N ASP A 144 9.28 -9.66 -12.84
CA ASP A 144 9.99 -9.64 -14.12
C ASP A 144 11.00 -10.76 -14.30
N THR A 145 11.07 -11.76 -13.42
CA THR A 145 12.06 -12.81 -13.65
C THR A 145 11.72 -14.08 -12.88
N ALA A 146 12.26 -15.19 -13.37
CA ALA A 146 12.23 -16.48 -12.70
C ALA A 146 13.42 -16.60 -11.74
N CYS A 147 13.27 -17.45 -10.72
CA CYS A 147 14.32 -17.61 -9.72
C CYS A 147 14.03 -18.83 -8.86
N GLY A 148 15.07 -19.56 -8.47
CA GLY A 148 14.93 -20.52 -7.39
C GLY A 148 13.86 -21.56 -7.64
N PHE A 149 13.88 -22.13 -8.85
CA PHE A 149 13.00 -23.23 -9.28
C PHE A 149 11.60 -22.74 -9.61
N CYS A 150 11.35 -21.43 -9.57
CA CYS A 150 10.03 -20.82 -9.69
C CYS A 150 9.96 -19.95 -10.95
N PHE A 151 8.89 -20.13 -11.73
CA PHE A 151 8.66 -19.35 -12.94
C PHE A 151 7.67 -18.22 -12.74
N PHE A 152 6.51 -18.54 -12.17
CA PHE A 152 5.48 -17.54 -11.88
C PHE A 152 5.11 -17.71 -10.42
N ASN A 153 4.70 -16.63 -9.80
CA ASN A 153 4.48 -16.64 -8.36
C ASN A 153 3.05 -17.07 -8.10
N THR A 154 2.88 -18.39 -8.03
CA THR A 154 1.57 -19.00 -7.87
C THR A 154 0.77 -18.41 -6.72
N ALA A 155 1.37 -18.30 -5.54
CA ALA A 155 0.63 -17.78 -4.38
C ALA A 155 0.25 -16.31 -4.59
N ALA A 156 1.17 -15.51 -5.10
CA ALA A 156 0.86 -14.11 -5.32
C ALA A 156 -0.24 -13.96 -6.35
N LEU A 157 -0.16 -14.72 -7.45
CA LEU A 157 -1.19 -14.71 -8.47
C LEU A 157 -2.54 -15.13 -7.89
N THR A 158 -2.54 -16.14 -7.01
CA THR A 158 -3.78 -16.61 -6.40
C THR A 158 -4.43 -15.53 -5.54
N ALA A 159 -3.62 -14.76 -4.81
CA ALA A 159 -4.16 -13.65 -4.04
C ALA A 159 -4.85 -12.64 -4.96
N ARG A 160 -4.19 -12.26 -6.06
CA ARG A 160 -4.81 -11.30 -6.98
C ARG A 160 -6.01 -11.90 -7.70
N TYR A 161 -5.94 -13.18 -8.06
CA TYR A 161 -7.10 -13.82 -8.65
C TYR A 161 -8.28 -13.80 -7.69
N ALA A 162 -8.02 -14.10 -6.41
CA ALA A 162 -9.06 -14.07 -5.41
C ALA A 162 -9.71 -12.70 -5.35
N GLN A 163 -8.89 -11.65 -5.31
CA GLN A 163 -9.41 -10.29 -5.33
C GLN A 163 -10.27 -10.04 -6.56
N SER A 164 -9.85 -10.57 -7.71
CA SER A 164 -10.56 -10.30 -8.97
C SER A 164 -11.95 -10.91 -9.00
N ILE A 165 -12.21 -11.95 -8.22
CA ILE A 165 -13.52 -12.60 -8.19
C ILE A 165 -14.32 -12.25 -6.96
N THR A 166 -13.81 -11.35 -6.11
CA THR A 166 -14.55 -10.91 -4.94
C THR A 166 -14.59 -9.39 -4.92
N ARG A 167 -13.67 -8.77 -4.20
CA ARG A 167 -13.50 -7.33 -4.28
C ARG A 167 -12.01 -7.03 -4.25
N GLU A 168 -11.65 -5.91 -4.86
CA GLU A 168 -10.25 -5.63 -5.10
C GLU A 168 -9.46 -5.58 -3.81
N SER A 169 -10.08 -5.13 -2.72
CA SER A 169 -9.41 -5.01 -1.42
C SER A 169 -9.60 -6.23 -0.51
N LEU A 170 -10.06 -7.36 -1.02
CA LEU A 170 -10.15 -8.56 -0.19
C LEU A 170 -8.85 -8.76 0.57
N ARG A 171 -8.97 -9.00 1.87
CA ARG A 171 -7.80 -9.16 2.73
C ARG A 171 -7.27 -10.59 2.64
N VAL A 172 -6.09 -10.73 2.06
CA VAL A 172 -5.46 -12.03 1.88
C VAL A 172 -4.21 -12.09 2.75
N LEU A 173 -4.14 -13.09 3.60
CA LEU A 173 -2.92 -13.40 4.34
C LEU A 173 -2.16 -14.49 3.61
N ILE A 174 -0.88 -14.29 3.34
CA ILE A 174 0.01 -15.32 2.83
C ILE A 174 0.99 -15.64 3.93
N VAL A 175 0.95 -16.88 4.42
CA VAL A 175 1.94 -17.39 5.37
C VAL A 175 2.89 -18.30 4.61
N ASP A 176 4.17 -17.94 4.60
CA ASP A 176 5.18 -18.68 3.82
C ASP A 176 6.10 -19.37 4.81
N TRP A 177 5.88 -20.67 4.99
CA TRP A 177 6.67 -21.45 5.92
C TRP A 177 7.71 -22.34 5.23
N ASP A 178 7.86 -22.19 3.91
CA ASP A 178 9.05 -22.73 3.23
C ASP A 178 10.28 -22.22 3.97
N VAL A 179 11.34 -23.02 4.05
CA VAL A 179 12.53 -22.60 4.80
C VAL A 179 13.21 -21.38 4.17
N HIS A 180 12.95 -21.10 2.89
CA HIS A 180 13.53 -19.96 2.20
C HIS A 180 12.57 -18.77 2.20
N HIS A 181 13.15 -17.58 2.25
CA HIS A 181 12.37 -16.36 2.08
C HIS A 181 11.72 -16.33 0.72
N GLY A 182 10.43 -15.96 0.68
CA GLY A 182 9.74 -15.75 -0.58
C GLY A 182 9.98 -14.36 -1.09
N ASN A 183 11.17 -14.12 -1.65
CA ASN A 183 11.53 -12.77 -2.08
C ASN A 183 10.53 -12.22 -3.07
N GLY A 184 10.08 -13.06 -4.01
CA GLY A 184 9.14 -12.59 -5.01
C GLY A 184 7.83 -12.15 -4.38
N THR A 185 7.30 -12.94 -3.45
CA THR A 185 6.05 -12.56 -2.81
C THR A 185 6.19 -11.26 -2.05
N GLN A 186 7.27 -11.14 -1.27
CA GLN A 186 7.50 -9.91 -0.55
C GLN A 186 7.49 -8.72 -1.50
N HIS A 187 8.28 -8.81 -2.59
CA HIS A 187 8.40 -7.68 -3.50
C HIS A 187 7.09 -7.36 -4.19
N ILE A 188 6.37 -8.37 -4.64
CA ILE A 188 5.12 -8.12 -5.37
C ILE A 188 4.16 -7.34 -4.49
N PHE A 189 4.08 -7.64 -3.19
CA PHE A 189 3.11 -7.02 -2.31
C PHE A 189 3.71 -5.97 -1.37
N GLU A 190 4.95 -5.56 -1.61
CA GLU A 190 5.65 -4.77 -0.61
C GLU A 190 4.96 -3.44 -0.33
N GLU A 191 4.27 -2.89 -1.31
CA GLU A 191 3.57 -1.61 -1.16
C GLU A 191 2.07 -1.79 -1.00
N ASP A 192 1.62 -2.97 -0.62
CA ASP A 192 0.20 -3.32 -0.62
C ASP A 192 -0.26 -3.68 0.80
N ASP A 193 -1.32 -3.02 1.26
CA ASP A 193 -1.93 -3.31 2.56
C ASP A 193 -3.11 -4.28 2.48
N SER A 194 -3.42 -4.80 1.30
CA SER A 194 -4.51 -5.77 1.17
C SER A 194 -4.01 -7.21 1.24
N VAL A 195 -2.70 -7.41 1.08
CA VAL A 195 -2.09 -8.72 1.13
C VAL A 195 -1.00 -8.64 2.19
N LEU A 196 -1.24 -9.30 3.32
CA LEU A 196 -0.28 -9.38 4.40
C LEU A 196 0.63 -10.57 4.13
N TYR A 197 1.93 -10.32 4.04
CA TYR A 197 2.90 -11.38 3.79
C TYR A 197 3.65 -11.64 5.08
N ILE A 198 3.62 -12.89 5.55
CA ILE A 198 4.37 -13.31 6.74
C ILE A 198 5.22 -14.49 6.33
N SER A 199 6.54 -14.34 6.43
CA SER A 199 7.48 -15.40 6.10
C SER A 199 8.31 -15.77 7.31
N LEU A 200 8.47 -17.08 7.54
CA LEU A 200 9.48 -17.60 8.45
C LEU A 200 10.55 -18.25 7.58
N HIS A 201 11.82 -18.03 7.89
CA HIS A 201 12.83 -18.54 6.99
C HIS A 201 14.18 -18.58 7.66
N ARG A 202 14.98 -19.55 7.23
CA ARG A 202 16.39 -19.56 7.58
C ARG A 202 17.07 -18.40 6.86
N TYR A 203 17.79 -17.58 7.64
CA TYR A 203 18.37 -16.33 7.16
C TYR A 203 19.88 -16.32 7.28
N GLU A 204 20.40 -16.66 8.45
CA GLU A 204 21.85 -16.72 8.68
C GLU A 204 22.53 -15.41 8.28
N ASP A 205 21.93 -14.30 8.71
CA ASP A 205 22.52 -12.97 8.50
C ASP A 205 22.71 -12.68 7.02
N GLY A 206 21.79 -13.20 6.20
CA GLY A 206 21.83 -12.98 4.78
C GLY A 206 22.60 -14.03 3.99
N ALA A 207 23.16 -15.05 4.64
CA ALA A 207 23.96 -16.03 3.92
C ALA A 207 23.13 -17.11 3.22
N PHE A 208 21.93 -17.39 3.70
CA PHE A 208 21.14 -18.49 3.17
C PHE A 208 20.36 -18.02 1.95
N PHE A 209 20.16 -18.91 0.98
CA PHE A 209 19.41 -18.57 -0.23
C PHE A 209 18.06 -17.96 0.17
N PRO A 210 17.61 -16.85 -0.46
CA PRO A 210 18.14 -16.20 -1.67
C PRO A 210 19.20 -15.11 -1.44
N ASN A 211 19.87 -15.14 -0.29
CA ASN A 211 21.13 -14.41 -0.08
C ASN A 211 20.97 -12.90 -0.08
N SER A 212 19.84 -12.39 0.42
CA SER A 212 19.55 -10.96 0.44
C SER A 212 19.10 -10.50 1.82
N GLU A 213 19.54 -9.31 2.21
CA GLU A 213 19.06 -8.72 3.44
C GLU A 213 17.62 -8.26 3.35
N ASP A 214 16.99 -8.39 2.17
CA ASP A 214 15.57 -8.11 2.04
C ASP A 214 14.76 -9.00 2.97
N ALA A 215 15.32 -10.14 3.38
CA ALA A 215 14.65 -11.10 4.24
C ALA A 215 14.74 -10.78 5.72
N ASN A 216 15.41 -9.69 6.09
CA ASN A 216 15.59 -9.42 7.51
C ASN A 216 14.30 -8.83 8.12
N TYR A 217 14.26 -8.82 9.45
CA TYR A 217 13.07 -8.46 10.20
C TYR A 217 12.74 -6.98 10.07
N ASP A 218 13.69 -6.15 9.69
CA ASP A 218 13.46 -4.72 9.57
C ASP A 218 12.78 -4.33 8.26
N LYS A 219 12.50 -5.28 7.37
CA LYS A 219 11.79 -4.96 6.13
C LYS A 219 10.32 -5.17 6.43
N VAL A 220 9.64 -4.07 6.79
CA VAL A 220 8.26 -4.11 7.28
C VAL A 220 7.27 -3.75 6.20
N GLY A 221 7.71 -3.50 4.98
CA GLY A 221 6.86 -3.02 3.91
C GLY A 221 7.18 -1.57 3.59
N LEU A 222 6.63 -1.12 2.47
CA LEU A 222 6.91 0.21 1.96
C LEU A 222 5.62 0.95 1.64
N GLY A 223 5.63 2.27 1.82
CA GLY A 223 4.48 3.05 1.40
C GLY A 223 3.22 2.59 2.11
N LYS A 224 2.15 2.39 1.35
CA LYS A 224 0.89 1.92 1.92
C LYS A 224 1.04 0.57 2.60
N GLY A 225 2.04 -0.19 2.21
CA GLY A 225 2.31 -1.48 2.79
C GLY A 225 3.11 -1.50 4.06
N ARG A 226 3.46 -0.36 4.66
CA ARG A 226 4.22 -0.42 5.89
C ARG A 226 3.43 -1.11 6.98
N GLY A 227 4.03 -2.15 7.57
CA GLY A 227 3.38 -3.01 8.53
C GLY A 227 2.87 -4.31 7.95
N TYR A 228 2.79 -4.41 6.62
CA TYR A 228 2.12 -5.53 5.98
C TYR A 228 3.10 -6.53 5.37
N ASN A 229 4.36 -6.49 5.81
CA ASN A 229 5.38 -7.45 5.43
C ASN A 229 6.08 -7.84 6.72
N VAL A 230 5.99 -9.11 7.09
CA VAL A 230 6.52 -9.60 8.36
C VAL A 230 7.51 -10.71 8.06
N ASN A 231 8.80 -10.43 8.27
CA ASN A 231 9.86 -11.41 8.11
C ASN A 231 10.32 -11.91 9.47
N ILE A 232 10.32 -13.23 9.62
CA ILE A 232 10.77 -13.90 10.85
C ILE A 232 12.02 -14.68 10.48
N PRO A 233 13.20 -14.09 10.66
CA PRO A 233 14.44 -14.71 10.16
C PRO A 233 15.15 -15.48 11.25
N TRP A 234 15.57 -16.69 10.92
CA TRP A 234 16.28 -17.55 11.85
C TRP A 234 17.79 -17.52 11.56
N ASN A 235 18.57 -17.43 12.63
CA ASN A 235 20.02 -17.42 12.57
C ASN A 235 20.58 -18.40 13.59
N GLY A 236 21.66 -19.08 13.22
CA GLY A 236 22.47 -19.80 14.19
C GLY A 236 21.74 -20.83 15.01
N GLY A 237 21.02 -21.71 14.37
CA GLY A 237 20.35 -22.77 15.09
C GLY A 237 19.59 -23.69 14.17
N LYS A 238 19.53 -24.96 14.55
CA LYS A 238 18.74 -25.97 13.85
C LYS A 238 17.31 -25.90 14.36
N MET A 239 16.53 -25.03 13.76
CA MET A 239 15.23 -24.72 14.33
C MET A 239 14.24 -25.85 14.04
N GLY A 240 13.23 -25.93 14.90
CA GLY A 240 12.24 -26.98 14.79
C GLY A 240 10.93 -26.58 15.41
N ASP A 241 10.16 -27.58 15.85
CA ASP A 241 8.82 -27.31 16.33
C ASP A 241 8.79 -26.29 17.45
N PRO A 242 9.70 -26.29 18.42
CA PRO A 242 9.58 -25.27 19.49
C PRO A 242 9.63 -23.86 18.95
N GLU A 243 10.57 -23.60 18.04
CA GLU A 243 10.74 -22.26 17.52
C GLU A 243 9.58 -21.84 16.64
N TYR A 244 9.07 -22.76 15.82
CA TYR A 244 7.95 -22.44 14.95
C TYR A 244 6.67 -22.23 15.75
N MET A 245 6.44 -23.06 16.79
CA MET A 245 5.27 -22.85 17.64
C MET A 245 5.35 -21.51 18.35
N ALA A 246 6.54 -21.15 18.84
CA ALA A 246 6.72 -19.86 19.53
C ALA A 246 6.50 -18.70 18.58
N ALA A 247 7.02 -18.80 17.36
CA ALA A 247 6.80 -17.74 16.37
C ALA A 247 5.31 -17.59 16.06
N PHE A 248 4.58 -18.70 15.97
CA PHE A 248 3.14 -18.60 15.72
C PHE A 248 2.44 -17.95 16.90
N HIS A 249 2.82 -18.33 18.12
CA HIS A 249 2.16 -17.81 19.32
C HIS A 249 2.38 -16.31 19.48
N HIS A 250 3.62 -15.86 19.35
CA HIS A 250 3.96 -14.46 19.61
C HIS A 250 3.76 -13.54 18.43
N LEU A 251 3.82 -14.05 17.19
CA LEU A 251 3.85 -13.19 16.01
C LEU A 251 2.76 -13.53 15.00
N VAL A 252 2.81 -14.75 14.40
CA VAL A 252 1.95 -15.01 13.26
C VAL A 252 0.49 -14.86 13.64
N MET A 253 0.08 -15.51 14.71
CA MET A 253 -1.35 -15.57 15.02
C MET A 253 -1.85 -14.22 15.54
N PRO A 254 -1.14 -13.51 16.43
CA PRO A 254 -1.68 -12.20 16.84
C PRO A 254 -1.81 -11.24 15.69
N ILE A 255 -0.80 -11.16 14.83
CA ILE A 255 -0.86 -10.27 13.67
C ILE A 255 -2.00 -10.69 12.75
N ALA A 256 -2.06 -11.98 12.42
CA ALA A 256 -3.10 -12.47 11.53
C ALA A 256 -4.50 -12.15 12.06
N ARG A 257 -4.75 -12.40 13.35
N ARG A 257 -4.73 -12.37 13.36
CA ARG A 257 -6.06 -12.10 13.90
CA ARG A 257 -6.07 -12.13 13.91
C ARG A 257 -6.39 -10.62 13.76
C ARG A 257 -6.40 -10.65 13.91
N GLU A 258 -5.40 -9.77 14.00
CA GLU A 258 -5.64 -8.33 13.95
C GLU A 258 -5.91 -7.89 12.52
N PHE A 259 -5.23 -8.49 11.55
CA PHE A 259 -5.46 -8.22 10.14
C PHE A 259 -6.85 -8.70 9.70
N ALA A 260 -7.32 -9.82 10.26
CA ALA A 260 -8.65 -10.35 10.00
C ALA A 260 -8.78 -10.71 8.52
N PRO A 261 -7.95 -11.62 8.05
CA PRO A 261 -8.01 -11.99 6.62
C PRO A 261 -9.34 -12.62 6.24
N GLU A 262 -9.69 -12.45 4.98
CA GLU A 262 -10.82 -13.12 4.37
C GLU A 262 -10.43 -14.37 3.62
N LEU A 263 -9.14 -14.58 3.41
CA LEU A 263 -8.61 -15.77 2.76
C LEU A 263 -7.19 -15.95 3.28
N VAL A 264 -6.81 -17.18 3.59
CA VAL A 264 -5.45 -17.49 3.98
C VAL A 264 -4.85 -18.41 2.92
N LEU A 265 -3.71 -18.00 2.37
CA LEU A 265 -2.89 -18.84 1.50
C LEU A 265 -1.64 -19.24 2.26
N VAL A 266 -1.31 -20.52 2.21
CA VAL A 266 -0.05 -20.97 2.77
C VAL A 266 0.91 -21.30 1.64
N SER A 267 2.03 -20.57 1.59
CA SER A 267 3.17 -20.96 0.76
C SER A 267 3.87 -22.05 1.55
N ALA A 268 3.39 -23.27 1.34
CA ALA A 268 3.73 -24.42 2.17
C ALA A 268 4.87 -25.21 1.52
N GLY A 269 6.07 -24.67 1.63
CA GLY A 269 7.24 -25.51 1.40
C GLY A 269 7.44 -26.41 2.59
N PHE A 270 7.98 -27.60 2.35
CA PHE A 270 8.28 -28.56 3.40
C PHE A 270 9.78 -28.82 3.51
N ASP A 271 10.58 -27.79 3.19
CA ASP A 271 12.03 -27.88 3.27
C ASP A 271 12.60 -27.47 4.61
N ALA A 272 11.76 -26.97 5.55
CA ALA A 272 12.19 -26.87 6.94
C ALA A 272 12.00 -28.17 7.68
N ALA A 273 11.58 -29.23 6.98
CA ALA A 273 11.26 -30.50 7.63
C ALA A 273 12.50 -31.27 8.03
N ARG A 274 12.37 -31.97 9.14
N ARG A 274 12.36 -32.01 9.12
CA ARG A 274 13.32 -33.01 9.47
CA ARG A 274 13.36 -32.99 9.49
C ARG A 274 13.55 -33.88 8.25
C ARG A 274 13.57 -33.96 8.34
N GLY A 275 14.82 -34.10 7.92
CA GLY A 275 15.22 -34.94 6.81
C GLY A 275 15.45 -34.20 5.51
N ASP A 276 15.08 -32.93 5.40
CA ASP A 276 15.27 -32.23 4.13
C ASP A 276 16.75 -32.15 3.79
N PRO A 277 17.14 -32.36 2.53
CA PRO A 277 18.56 -32.32 2.18
C PRO A 277 19.15 -30.93 2.10
N LEU A 278 18.33 -29.88 2.08
CA LEU A 278 18.79 -28.51 1.96
C LEU A 278 18.53 -27.65 3.18
N GLY A 279 17.38 -27.80 3.85
CA GLY A 279 16.98 -26.79 4.80
C GLY A 279 17.76 -26.80 6.10
N GLY A 280 18.20 -27.97 6.54
CA GLY A 280 18.95 -28.07 7.79
C GLY A 280 18.14 -27.94 9.06
N PHE A 281 16.81 -27.96 8.97
CA PHE A 281 15.91 -27.75 10.11
C PHE A 281 15.21 -29.06 10.48
N GLN A 282 14.34 -29.00 11.49
CA GLN A 282 13.76 -30.23 12.03
C GLN A 282 12.30 -30.06 12.42
N VAL A 283 11.54 -29.26 11.66
CA VAL A 283 10.10 -29.24 11.85
C VAL A 283 9.53 -30.61 11.51
N THR A 284 8.68 -31.13 12.37
CA THR A 284 8.14 -32.47 12.20
C THR A 284 6.79 -32.43 11.48
N PRO A 285 6.29 -33.58 11.03
CA PRO A 285 4.95 -33.59 10.41
C PRO A 285 3.89 -33.13 11.39
N GLU A 286 4.02 -33.53 12.65
N GLU A 286 4.03 -33.53 12.65
CA GLU A 286 3.07 -33.09 13.67
CA GLU A 286 3.10 -33.07 13.69
C GLU A 286 3.21 -31.59 13.94
C GLU A 286 3.19 -31.56 13.84
N GLY A 287 4.41 -31.03 13.79
CA GLY A 287 4.58 -29.58 13.83
C GLY A 287 3.80 -28.88 12.73
N TYR A 288 3.95 -29.33 11.49
CA TYR A 288 3.18 -28.73 10.38
C TYR A 288 1.68 -28.88 10.61
N ALA A 289 1.25 -30.00 11.18
CA ALA A 289 -0.16 -30.17 11.48
C ALA A 289 -0.64 -29.11 12.45
N HIS A 290 0.15 -28.84 13.49
CA HIS A 290 -0.23 -27.80 14.45
C HIS A 290 -0.27 -26.42 13.81
N LEU A 291 0.70 -26.10 12.97
CA LEU A 291 0.68 -24.81 12.29
C LEU A 291 -0.58 -24.67 11.45
N THR A 292 -0.92 -25.73 10.72
CA THR A 292 -2.14 -25.73 9.90
C THR A 292 -3.37 -25.52 10.77
N HIS A 293 -3.46 -26.27 11.87
CA HIS A 293 -4.64 -26.20 12.72
C HIS A 293 -4.83 -24.79 13.28
N GLN A 294 -3.72 -24.12 13.62
CA GLN A 294 -3.81 -22.74 14.07
C GLN A 294 -4.34 -21.83 12.98
N LEU A 295 -3.84 -21.97 11.75
CA LEU A 295 -4.29 -21.10 10.68
C LEU A 295 -5.78 -21.30 10.35
N MET A 296 -6.30 -22.50 10.58
CA MET A 296 -7.72 -22.76 10.34
C MET A 296 -8.64 -21.94 11.25
N SER A 297 -8.11 -21.35 12.32
CA SER A 297 -8.91 -20.45 13.14
C SER A 297 -9.10 -19.06 12.53
N LEU A 298 -8.48 -18.79 11.40
CA LEU A 298 -8.59 -17.51 10.71
C LEU A 298 -9.54 -17.61 9.53
N ALA A 299 -10.06 -16.46 9.12
CA ALA A 299 -10.78 -16.35 7.87
C ALA A 299 -11.94 -17.32 7.76
N ALA A 300 -12.61 -17.60 8.88
CA ALA A 300 -13.71 -18.55 8.88
C ALA A 300 -13.29 -19.88 8.27
N GLY A 301 -12.01 -20.22 8.45
CA GLY A 301 -11.48 -21.49 7.99
C GLY A 301 -11.08 -21.54 6.53
N ARG A 302 -11.11 -20.41 5.83
N ARG A 302 -11.11 -20.41 5.83
CA ARG A 302 -10.82 -20.36 4.40
CA ARG A 302 -10.83 -20.38 4.39
C ARG A 302 -9.31 -20.34 4.18
C ARG A 302 -9.31 -20.35 4.17
N VAL A 303 -8.74 -21.56 4.09
CA VAL A 303 -7.30 -21.79 3.99
C VAL A 303 -7.00 -22.65 2.77
N LEU A 304 -6.07 -22.20 1.93
CA LEU A 304 -5.55 -22.95 0.80
C LEU A 304 -4.06 -23.19 1.02
N ILE A 305 -3.65 -24.44 1.08
CA ILE A 305 -2.27 -24.85 1.29
C ILE A 305 -1.66 -25.15 -0.07
N ILE A 306 -0.62 -24.41 -0.43
CA ILE A 306 0.01 -24.48 -1.76
C ILE A 306 1.44 -25.02 -1.60
N LEU A 307 1.74 -26.14 -2.25
CA LEU A 307 3.12 -26.66 -2.17
C LEU A 307 4.10 -25.67 -2.78
N GLU A 308 5.20 -25.41 -2.05
CA GLU A 308 6.36 -24.67 -2.55
C GLU A 308 7.52 -25.65 -2.66
N GLY A 309 8.58 -25.47 -1.86
CA GLY A 309 9.72 -26.38 -1.85
C GLY A 309 9.55 -27.55 -0.91
N GLY A 310 10.67 -28.21 -0.59
CA GLY A 310 10.68 -29.43 0.17
C GLY A 310 11.12 -30.61 -0.67
N TYR A 311 12.21 -31.27 -0.27
CA TYR A 311 12.96 -32.12 -1.17
C TYR A 311 13.22 -33.53 -0.65
N ASN A 312 12.91 -33.83 0.60
CA ASN A 312 12.94 -35.23 1.06
C ASN A 312 11.55 -35.80 0.78
N LEU A 313 11.49 -36.71 -0.19
CA LEU A 313 10.19 -37.20 -0.67
C LEU A 313 9.33 -37.76 0.46
N THR A 314 9.95 -38.52 1.37
CA THR A 314 9.20 -39.03 2.52
C THR A 314 8.73 -37.90 3.42
N SER A 315 9.64 -36.98 3.76
CA SER A 315 9.28 -35.90 4.68
C SER A 315 8.14 -35.05 4.14
N ILE A 316 8.21 -34.68 2.86
CA ILE A 316 7.18 -33.80 2.32
C ILE A 316 5.86 -34.52 2.21
N SER A 317 5.90 -35.82 1.89
CA SER A 317 4.67 -36.60 1.75
C SER A 317 3.98 -36.72 3.08
N GLU A 318 4.73 -37.07 4.13
CA GLU A 318 4.13 -37.16 5.46
C GLU A 318 3.66 -35.80 5.95
N SER A 319 4.48 -34.78 5.73
CA SER A 319 4.16 -33.46 6.28
C SER A 319 2.94 -32.86 5.60
N MET A 320 2.89 -32.88 4.27
CA MET A 320 1.72 -32.29 3.62
C MET A 320 0.46 -33.09 3.90
N SER A 321 0.57 -34.43 3.95
CA SER A 321 -0.58 -35.25 4.31
C SER A 321 -1.13 -34.90 5.69
N MET A 322 -0.26 -34.65 6.66
N MET A 322 -0.24 -34.66 6.66
CA MET A 322 -0.74 -34.25 7.99
CA MET A 322 -0.68 -34.22 7.99
C MET A 322 -1.46 -32.91 7.94
C MET A 322 -1.48 -32.94 7.90
N CYS A 323 -1.03 -32.00 7.06
CA CYS A 323 -1.74 -30.73 6.89
C CYS A 323 -3.15 -30.99 6.38
N THR A 324 -3.29 -31.84 5.36
CA THR A 324 -4.61 -32.14 4.83
C THR A 324 -5.49 -32.80 5.87
N SER A 325 -4.92 -33.68 6.68
CA SER A 325 -5.66 -34.29 7.77
C SER A 325 -6.24 -33.22 8.70
N MET A 326 -5.46 -32.17 8.98
CA MET A 326 -6.00 -31.07 9.79
C MET A 326 -7.14 -30.35 9.08
N LEU A 327 -6.95 -30.05 7.79
CA LEU A 327 -8.01 -29.37 7.03
C LEU A 327 -9.30 -30.16 7.07
N LEU A 328 -9.21 -31.50 7.05
CA LEU A 328 -10.36 -32.38 7.09
C LEU A 328 -11.02 -32.43 8.45
N GLY A 329 -10.42 -31.82 9.46
CA GLY A 329 -11.03 -31.77 10.79
C GLY A 329 -10.49 -32.77 11.78
N ASP A 330 -9.46 -33.53 11.44
CA ASP A 330 -8.87 -34.47 12.38
C ASP A 330 -8.18 -33.71 13.50
N SER A 331 -8.10 -34.32 14.64
N SER A 331 -8.10 -34.33 14.66
CA SER A 331 -7.51 -33.62 15.77
CA SER A 331 -7.49 -33.69 15.82
C SER A 331 -5.99 -33.62 15.65
C SER A 331 -5.98 -33.62 15.64
N PRO A 332 -5.32 -32.58 16.15
CA PRO A 332 -3.85 -32.50 15.98
C PRO A 332 -3.13 -33.66 16.63
N PRO A 333 -2.13 -34.23 15.96
CA PRO A 333 -1.27 -35.22 16.61
C PRO A 333 -0.44 -34.54 17.68
N SER A 334 0.05 -35.32 18.62
CA SER A 334 0.76 -34.76 19.77
C SER A 334 2.19 -34.38 19.41
N LEU A 335 2.58 -33.15 19.77
CA LEU A 335 3.97 -32.75 19.64
C LEU A 335 4.81 -33.46 20.69
N ASP A 336 6.09 -33.62 20.36
CA ASP A 336 7.07 -33.99 21.36
C ASP A 336 7.17 -32.89 22.40
N HIS A 337 7.70 -33.22 23.57
CA HIS A 337 8.06 -32.20 24.54
C HIS A 337 8.86 -31.09 23.86
N LEU A 338 8.38 -29.85 23.96
CA LEU A 338 9.05 -28.72 23.33
C LEU A 338 10.20 -28.23 24.20
N THR A 339 11.42 -28.34 23.67
CA THR A 339 12.60 -27.89 24.38
C THR A 339 12.59 -26.36 24.51
N PRO A 340 13.37 -25.82 25.45
CA PRO A 340 13.53 -24.36 25.50
C PRO A 340 14.01 -23.87 24.15
N LEU A 341 13.54 -22.70 23.74
CA LEU A 341 13.94 -22.20 22.44
C LEU A 341 15.44 -22.05 22.37
N LYS A 342 15.97 -22.28 21.18
CA LYS A 342 17.33 -21.89 20.91
C LYS A 342 17.47 -20.38 21.15
N THR A 343 18.57 -19.99 21.80
CA THR A 343 18.71 -18.61 22.25
C THR A 343 18.52 -17.62 21.11
N SER A 344 19.09 -17.92 19.95
CA SER A 344 18.98 -17.01 18.82
C SER A 344 17.55 -16.88 18.32
N ALA A 345 16.71 -17.92 18.53
CA ALA A 345 15.31 -17.84 18.11
C ALA A 345 14.54 -16.86 18.97
N THR A 346 14.84 -16.80 20.26
CA THR A 346 14.25 -15.78 21.12
C THR A 346 14.65 -14.40 20.64
N VAL A 347 15.92 -14.23 20.28
CA VAL A 347 16.38 -12.94 19.77
C VAL A 347 15.62 -12.58 18.50
N SER A 348 15.50 -13.53 17.57
CA SER A 348 14.77 -13.27 16.34
C SER A 348 13.34 -12.82 16.62
N ILE A 349 12.62 -13.57 17.44
CA ILE A 349 11.23 -13.24 17.73
C ILE A 349 11.13 -11.85 18.33
N ASN A 350 12.03 -11.53 19.27
CA ASN A 350 11.97 -10.22 19.90
C ASN A 350 12.30 -9.10 18.92
N ASN A 351 13.22 -9.35 17.98
CA ASN A 351 13.49 -8.36 16.95
C ASN A 351 12.26 -8.09 16.09
N VAL A 352 11.52 -9.14 15.73
CA VAL A 352 10.31 -8.94 14.93
C VAL A 352 9.26 -8.21 15.75
N LEU A 353 9.11 -8.58 17.02
CA LEU A 353 8.14 -7.90 17.88
C LEU A 353 8.41 -6.41 17.94
N ARG A 354 9.67 -6.02 18.09
CA ARG A 354 10.00 -4.60 18.18
C ARG A 354 9.74 -3.90 16.85
N ALA A 355 9.97 -4.59 15.73
CA ALA A 355 9.76 -4.00 14.41
C ALA A 355 8.27 -3.79 14.12
N HIS A 356 7.41 -4.67 14.63
CA HIS A 356 6.02 -4.70 14.23
C HIS A 356 5.02 -4.23 15.27
N ALA A 357 5.39 -4.14 16.54
CA ALA A 357 4.48 -3.54 17.52
C ALA A 357 4.04 -2.13 17.15
N PRO A 358 4.80 -1.32 16.42
CA PRO A 358 4.23 -0.03 16.00
C PRO A 358 2.98 -0.15 15.14
N PHE A 359 2.87 -1.24 14.38
CA PHE A 359 1.81 -1.42 13.41
C PHE A 359 0.70 -2.32 13.90
N TRP A 360 0.97 -3.18 14.89
CA TRP A 360 0.05 -4.21 15.33
C TRP A 360 -0.05 -4.14 16.85
N SER A 361 -1.17 -3.58 17.33
CA SER A 361 -1.35 -3.37 18.76
CA SER A 361 -1.32 -3.37 18.76
C SER A 361 -1.37 -4.67 19.54
N SER A 362 -1.74 -5.78 18.88
CA SER A 362 -1.78 -7.07 19.56
C SER A 362 -0.41 -7.53 20.02
N LEU A 363 0.67 -6.93 19.53
CA LEU A 363 2.02 -7.32 19.92
C LEU A 363 2.52 -6.54 21.12
N ARG A 364 1.75 -5.59 21.60
CA ARG A 364 2.25 -4.70 22.64
C ARG A 364 2.02 -5.25 24.03
N SER B 7 6.05 47.20 -6.22
CA SER B 7 6.06 45.85 -6.79
C SER B 7 5.57 44.82 -5.77
N PRO B 8 4.97 43.74 -6.27
CA PRO B 8 4.29 42.79 -5.38
C PRO B 8 5.25 42.06 -4.44
N ILE B 9 4.78 41.84 -3.22
CA ILE B 9 5.51 41.08 -2.21
C ILE B 9 4.86 39.70 -2.02
N THR B 10 5.69 38.66 -1.86
CA THR B 10 5.25 37.31 -1.47
C THR B 10 5.59 37.07 -0.02
N GLY B 11 4.62 36.65 0.76
CA GLY B 11 4.86 36.26 2.14
C GLY B 11 5.21 34.78 2.27
N LEU B 12 5.92 34.47 3.34
CA LEU B 12 6.25 33.09 3.68
C LEU B 12 6.14 32.95 5.19
N VAL B 13 5.45 31.89 5.61
CA VAL B 13 5.37 31.58 7.04
C VAL B 13 5.89 30.17 7.25
N TYR B 14 6.70 30.01 8.30
CA TYR B 14 7.32 28.75 8.68
C TYR B 14 7.75 28.91 10.13
N ASP B 15 7.53 27.87 10.94
CA ASP B 15 8.01 27.87 12.32
C ASP B 15 8.47 26.46 12.64
N GLN B 16 9.75 26.32 13.00
CA GLN B 16 10.30 25.01 13.27
C GLN B 16 9.60 24.29 14.41
N ARG B 17 8.87 25.03 15.26
N ARG B 17 8.87 25.00 15.27
CA ARG B 17 8.11 24.42 16.34
CA ARG B 17 8.20 24.31 16.34
C ARG B 17 7.12 23.38 15.83
C ARG B 17 7.03 23.43 15.87
N MET B 18 6.59 23.58 14.62
CA MET B 18 5.63 22.63 14.07
C MET B 18 6.26 21.26 13.83
N MET B 19 7.58 21.13 13.95
CA MET B 19 8.23 19.83 13.89
C MET B 19 7.99 18.99 15.13
N LEU B 20 7.49 19.57 16.22
CA LEU B 20 7.46 18.84 17.49
C LEU B 20 6.43 17.73 17.51
N HIS B 21 5.34 17.87 16.77
CA HIS B 21 4.37 16.79 16.61
C HIS B 21 5.05 15.56 16.01
N HIS B 22 4.91 14.42 16.67
CA HIS B 22 5.63 13.24 16.22
C HIS B 22 4.91 11.96 16.64
N ASN B 23 5.32 10.87 16.01
CA ASN B 23 4.70 9.56 16.22
C ASN B 23 5.57 8.77 17.19
N MET B 24 5.07 8.56 18.40
CA MET B 24 5.86 7.95 19.46
C MET B 24 6.19 6.49 19.17
N TRP B 25 5.31 5.78 18.46
CA TRP B 25 5.55 4.37 18.18
C TRP B 25 6.36 4.14 16.93
N ASP B 26 6.33 5.07 15.99
CA ASP B 26 6.88 4.83 14.64
C ASP B 26 7.51 6.15 14.20
N SER B 27 8.77 6.33 14.56
CA SER B 27 9.46 7.57 14.24
C SER B 27 9.72 7.72 12.76
N HIS B 28 9.52 6.66 11.96
CA HIS B 28 9.65 6.71 10.51
C HIS B 28 8.32 6.85 9.80
N HIS B 29 7.26 7.12 10.53
CA HIS B 29 5.98 7.37 9.90
C HIS B 29 6.13 8.50 8.87
N PRO B 30 5.51 8.38 7.69
CA PRO B 30 5.80 9.34 6.61
C PRO B 30 5.44 10.79 6.88
N GLU B 31 4.50 11.07 7.79
CA GLU B 31 4.17 12.46 8.09
C GLU B 31 5.20 12.98 9.09
N LEU B 32 6.40 13.22 8.56
CA LEU B 32 7.59 13.47 9.35
C LEU B 32 7.74 14.94 9.75
N PRO B 33 8.29 15.17 10.94
CA PRO B 33 8.73 16.53 11.30
C PRO B 33 9.52 17.22 10.20
N GLN B 34 10.46 16.50 9.58
CA GLN B 34 11.36 17.13 8.62
C GLN B 34 10.70 17.46 7.29
N ARG B 35 9.42 17.11 7.09
CA ARG B 35 8.74 17.59 5.88
C ARG B 35 8.85 19.10 5.78
N ILE B 36 8.57 19.80 6.87
CA ILE B 36 8.55 21.26 6.81
C ILE B 36 9.96 21.85 6.80
N SER B 37 10.88 21.30 7.60
CA SER B 37 12.25 21.83 7.61
C SER B 37 12.91 21.62 6.25
N ARG B 38 12.63 20.50 5.59
CA ARG B 38 13.20 20.27 4.27
C ARG B 38 12.66 21.26 3.25
N ILE B 39 11.37 21.54 3.27
CA ILE B 39 10.84 22.54 2.35
C ILE B 39 11.47 23.90 2.61
N PHE B 40 11.55 24.29 3.87
CA PHE B 40 12.17 25.56 4.23
C PHE B 40 13.62 25.62 3.78
N SER B 41 14.37 24.56 4.04
CA SER B 41 15.78 24.50 3.61
C SER B 41 15.90 24.70 2.11
N ARG B 42 15.03 24.05 1.32
CA ARG B 42 15.15 24.18 -0.13
C ARG B 42 14.90 25.63 -0.56
N HIS B 43 13.97 26.31 0.11
CA HIS B 43 13.78 27.74 -0.15
C HIS B 43 15.04 28.55 0.14
N GLU B 44 15.71 28.25 1.26
N GLU B 44 15.75 28.22 1.22
CA GLU B 44 16.99 28.90 1.55
CA GLU B 44 16.97 28.97 1.50
C GLU B 44 18.00 28.61 0.45
C GLU B 44 18.08 28.60 0.52
N GLU B 45 18.15 27.33 0.12
CA GLU B 45 19.20 26.87 -0.79
C GLU B 45 19.04 27.47 -2.17
N LEU B 46 17.80 27.66 -2.62
CA LEU B 46 17.48 28.29 -3.90
C LEU B 46 17.44 29.80 -3.82
N ARG B 47 17.71 30.37 -2.66
CA ARG B 47 17.71 31.83 -2.46
C ARG B 47 16.33 32.43 -2.70
N LEU B 48 15.30 31.66 -2.46
CA LEU B 48 13.93 32.14 -2.53
C LEU B 48 13.50 32.77 -1.20
N LEU B 49 14.04 32.29 -0.08
CA LEU B 49 13.57 32.78 1.20
C LEU B 49 13.80 34.28 1.35
N SER B 50 14.98 34.76 0.98
CA SER B 50 15.27 36.19 1.14
C SER B 50 14.45 37.06 0.20
N ARG B 51 13.82 36.48 -0.81
CA ARG B 51 12.96 37.20 -1.72
C ARG B 51 11.56 37.35 -1.20
N CYS B 52 11.23 36.67 -0.09
CA CYS B 52 9.91 36.71 0.52
C CYS B 52 9.92 37.55 1.78
N HIS B 53 8.77 38.10 2.14
CA HIS B 53 8.61 38.72 3.43
C HIS B 53 8.17 37.66 4.44
N ARG B 54 8.90 37.55 5.55
CA ARG B 54 8.60 36.53 6.56
C ARG B 54 7.41 36.99 7.40
N ILE B 55 6.32 36.23 7.32
CA ILE B 55 5.13 36.49 8.10
C ILE B 55 5.26 35.70 9.40
N PRO B 56 5.02 36.30 10.55
CA PRO B 56 5.18 35.55 11.79
C PRO B 56 4.11 34.48 11.97
N ALA B 57 4.54 33.35 12.53
CA ALA B 57 3.61 32.33 12.96
C ALA B 57 2.95 32.78 14.27
N ARG B 58 1.75 32.27 14.53
CA ARG B 58 1.13 32.44 15.83
C ARG B 58 0.23 31.24 16.07
N LEU B 59 -0.19 31.09 17.31
CA LEU B 59 -1.21 30.11 17.66
C LEU B 59 -2.61 30.61 17.30
N ALA B 60 -3.41 29.74 16.67
CA ALA B 60 -4.84 29.97 16.59
C ALA B 60 -5.42 29.96 18.01
N THR B 61 -6.53 30.67 18.19
CA THR B 61 -7.25 30.63 19.45
C THR B 61 -8.38 29.59 19.37
N GLU B 62 -8.88 29.23 20.54
CA GLU B 62 -10.02 28.31 20.57
C GLU B 62 -11.25 28.90 19.92
N GLU B 63 -11.45 30.21 20.05
CA GLU B 63 -12.57 30.84 19.36
C GLU B 63 -12.42 30.74 17.85
N GLU B 64 -11.19 30.89 17.34
CA GLU B 64 -10.95 30.70 15.91
C GLU B 64 -11.23 29.26 15.49
N LEU B 65 -10.83 28.28 16.31
CA LEU B 65 -11.11 26.89 15.96
C LEU B 65 -12.61 26.65 15.83
N ALA B 66 -13.40 27.35 16.65
CA ALA B 66 -14.85 27.17 16.64
C ALA B 66 -15.49 27.71 15.36
N LEU B 67 -14.75 28.42 14.51
CA LEU B 67 -15.31 28.79 13.21
C LEU B 67 -15.71 27.56 12.41
N CYS B 68 -15.01 26.43 12.60
CA CYS B 68 -15.33 25.19 11.89
C CYS B 68 -15.50 23.96 12.76
N HIS B 69 -15.02 23.96 14.00
CA HIS B 69 -14.99 22.73 14.79
C HIS B 69 -15.89 22.82 16.01
N SER B 70 -16.39 21.66 16.41
CA SER B 70 -17.26 21.56 17.58
C SER B 70 -16.48 21.75 18.88
N SER B 71 -17.19 22.17 19.92
N SER B 71 -17.19 22.20 19.92
CA SER B 71 -16.57 22.33 21.22
CA SER B 71 -16.59 22.32 21.23
C SER B 71 -16.00 21.00 21.75
C SER B 71 -15.99 21.00 21.70
N LYS B 72 -16.71 19.90 21.49
CA LYS B 72 -16.23 18.61 21.96
C LYS B 72 -14.91 18.24 21.29
N HIS B 73 -14.81 18.44 19.99
CA HIS B 73 -13.59 18.09 19.28
C HIS B 73 -12.43 18.97 19.72
N ILE B 74 -12.68 20.28 19.81
CA ILE B 74 -11.63 21.19 20.29
C ILE B 74 -11.15 20.75 21.66
N SER B 75 -12.08 20.42 22.54
CA SER B 75 -11.72 20.09 23.92
C SER B 75 -10.88 18.83 23.99
N ILE B 76 -11.25 17.79 23.23
CA ILE B 76 -10.51 16.55 23.35
C ILE B 76 -9.11 16.68 22.76
N ILE B 77 -8.97 17.33 21.60
CA ILE B 77 -7.62 17.52 21.08
C ILE B 77 -6.81 18.43 22.01
N LYS B 78 -7.41 19.52 22.52
CA LYS B 78 -6.72 20.35 23.50
C LYS B 78 -6.18 19.52 24.66
N SER B 79 -6.97 18.58 25.16
CA SER B 79 -6.57 17.83 26.34
C SER B 79 -5.39 16.92 26.09
N SER B 80 -5.09 16.63 24.83
CA SER B 80 -4.00 15.71 24.53
C SER B 80 -2.65 16.31 24.90
N GLU B 81 -2.56 17.62 25.05
CA GLU B 81 -1.31 18.24 25.46
C GLU B 81 -0.84 17.71 26.82
N HIS B 82 -1.77 17.31 27.69
CA HIS B 82 -1.41 16.86 29.04
C HIS B 82 -1.68 15.38 29.26
N MET B 83 -1.86 14.61 28.19
CA MET B 83 -2.16 13.19 28.32
C MET B 83 -0.91 12.37 28.51
N LYS B 84 -1.07 11.24 29.18
CA LYS B 84 -0.03 10.24 29.31
C LYS B 84 0.08 9.45 28.01
N PRO B 85 1.20 8.77 27.78
CA PRO B 85 1.33 8.01 26.53
C PRO B 85 0.18 7.05 26.23
N ARG B 86 -0.32 6.28 27.20
CA ARG B 86 -1.41 5.37 26.90
C ARG B 86 -2.65 6.15 26.46
N ASP B 87 -2.91 7.29 27.10
CA ASP B 87 -4.06 8.12 26.70
C ASP B 87 -3.91 8.57 25.25
N LEU B 88 -2.70 8.99 24.87
CA LEU B 88 -2.43 9.43 23.51
C LEU B 88 -2.60 8.31 22.50
N ASN B 89 -2.08 7.11 22.82
CA ASN B 89 -2.20 5.99 21.89
C ASN B 89 -3.67 5.64 21.68
N ARG B 90 -4.41 5.50 22.77
CA ARG B 90 -5.81 5.12 22.66
C ARG B 90 -6.62 6.18 21.94
N LEU B 91 -6.40 7.46 22.27
CA LEU B 91 -7.15 8.51 21.59
C LEU B 91 -6.85 8.51 20.10
N GLY B 92 -5.57 8.45 19.75
CA GLY B 92 -5.25 8.43 18.34
C GLY B 92 -5.91 7.28 17.61
N ASP B 93 -5.99 6.12 18.26
CA ASP B 93 -6.57 4.93 17.65
C ASP B 93 -8.10 4.98 17.55
N GLU B 94 -8.75 5.99 18.13
CA GLU B 94 -10.19 6.17 17.91
C GLU B 94 -10.47 6.76 16.53
N TYR B 95 -9.48 7.38 15.91
CA TYR B 95 -9.66 8.05 14.63
C TYR B 95 -9.10 7.16 13.52
N ASN B 96 -9.46 7.50 12.30
CA ASN B 96 -8.85 6.89 11.12
C ASN B 96 -7.53 7.59 10.83
N SER B 97 -6.43 6.87 11.02
CA SER B 97 -5.10 7.31 10.58
C SER B 97 -4.63 8.60 11.26
N ILE B 98 -4.53 8.52 12.58
CA ILE B 98 -4.03 9.61 13.41
C ILE B 98 -3.04 9.06 14.42
N PHE B 99 -1.92 9.77 14.57
CA PHE B 99 -1.06 9.63 15.75
C PHE B 99 -1.01 10.96 16.47
N ILE B 100 -0.79 10.89 17.79
CA ILE B 100 -0.82 12.07 18.65
C ILE B 100 0.33 12.02 19.63
N SER B 101 0.97 13.15 19.86
CA SER B 101 1.95 13.36 20.91
C SER B 101 1.54 14.57 21.73
N ASN B 102 2.26 14.84 22.82
CA ASN B 102 1.88 15.96 23.69
C ASN B 102 2.01 17.31 23.01
N GLU B 103 2.71 17.37 21.88
CA GLU B 103 2.91 18.62 21.14
C GLU B 103 1.92 18.79 20.00
N SER B 104 1.11 17.80 19.68
CA SER B 104 0.27 17.83 18.49
C SER B 104 -0.69 18.99 18.50
N TYR B 105 -1.39 19.20 19.61
CA TYR B 105 -2.38 20.28 19.67
C TYR B 105 -1.74 21.62 19.37
N THR B 106 -0.64 21.93 20.04
CA THR B 106 0.03 23.22 19.82
C THR B 106 0.51 23.36 18.37
N CYS B 107 1.00 22.27 17.79
CA CYS B 107 1.43 22.33 16.40
C CYS B 107 0.27 22.61 15.47
N ALA B 108 -0.87 21.96 15.70
CA ALA B 108 -2.05 22.22 14.89
C ALA B 108 -2.50 23.67 15.04
N LEU B 109 -2.42 24.21 16.27
CA LEU B 109 -2.77 25.62 16.47
C LEU B 109 -1.83 26.52 15.69
N LEU B 110 -0.53 26.21 15.70
N LEU B 110 -0.54 26.17 15.68
CA LEU B 110 0.43 27.02 14.97
CA LEU B 110 0.50 26.95 15.00
C LEU B 110 0.18 26.95 13.47
C LEU B 110 0.31 26.89 13.49
N ALA B 111 -0.13 25.75 12.95
CA ALA B 111 -0.39 25.65 11.52
C ALA B 111 -1.55 26.55 11.13
N ALA B 112 -2.61 26.51 11.90
CA ALA B 112 -3.79 27.35 11.61
C ALA B 112 -3.45 28.84 11.75
N GLY B 113 -2.84 29.22 12.88
CA GLY B 113 -2.60 30.63 13.13
C GLY B 113 -1.62 31.23 12.12
N SER B 114 -0.65 30.42 11.67
CA SER B 114 0.26 30.84 10.62
C SER B 114 -0.51 31.20 9.36
N CYS B 115 -1.48 30.36 9.02
CA CYS B 115 -2.30 30.62 7.84
C CYS B 115 -3.20 31.82 8.03
N PHE B 116 -3.75 32.03 9.23
CA PHE B 116 -4.56 33.22 9.46
C PHE B 116 -3.72 34.47 9.26
N ASN B 117 -2.51 34.49 9.83
CA ASN B 117 -1.65 35.66 9.65
C ASN B 117 -1.34 35.90 8.18
N SER B 118 -1.17 34.82 7.42
CA SER B 118 -0.88 34.95 5.99
C SER B 118 -2.07 35.50 5.24
N ALA B 119 -3.26 34.98 5.52
CA ALA B 119 -4.46 35.50 4.89
C ALA B 119 -4.68 36.95 5.24
N GLN B 120 -4.44 37.32 6.51
CA GLN B 120 -4.57 38.71 6.94
C GLN B 120 -3.60 39.60 6.17
N ALA B 121 -2.35 39.16 6.00
CA ALA B 121 -1.38 39.95 5.25
C ALA B 121 -1.83 40.16 3.81
N ILE B 122 -2.41 39.13 3.19
CA ILE B 122 -2.94 39.28 1.84
C ILE B 122 -4.12 40.25 1.82
N LEU B 123 -5.09 40.04 2.70
CA LEU B 123 -6.33 40.78 2.62
C LEU B 123 -6.19 42.23 3.05
N THR B 124 -5.14 42.56 3.79
CA THR B 124 -4.84 43.93 4.16
C THR B 124 -3.88 44.60 3.21
N GLY B 125 -3.47 43.93 2.14
CA GLY B 125 -2.60 44.52 1.14
C GLY B 125 -1.14 44.62 1.52
N GLN B 126 -0.71 43.90 2.54
CA GLN B 126 0.70 43.94 2.90
C GLN B 126 1.56 43.06 1.98
N VAL B 127 0.99 41.96 1.49
CA VAL B 127 1.61 41.13 0.49
C VAL B 127 0.56 40.79 -0.54
N ARG B 128 1.03 40.43 -1.74
CA ARG B 128 0.12 40.02 -2.81
C ARG B 128 -0.34 38.59 -2.62
N ASN B 129 0.56 37.70 -2.21
CA ASN B 129 0.33 36.27 -2.15
C ASN B 129 1.27 35.70 -1.08
N ALA B 130 1.12 34.41 -0.78
CA ALA B 130 1.91 33.85 0.31
C ALA B 130 1.94 32.34 0.27
N VAL B 131 2.94 31.78 0.96
N VAL B 131 2.98 31.78 0.89
CA VAL B 131 3.13 30.34 1.07
CA VAL B 131 3.08 30.33 1.11
C VAL B 131 3.31 30.00 2.55
C VAL B 131 3.15 30.08 2.60
N ALA B 132 2.62 28.93 3.01
CA ALA B 132 2.60 28.51 4.40
C ALA B 132 3.12 27.08 4.50
N ILE B 133 4.29 26.95 5.12
CA ILE B 133 4.99 25.68 5.27
C ILE B 133 4.66 25.16 6.66
N VAL B 134 3.57 24.38 6.73
CA VAL B 134 2.92 24.03 7.98
C VAL B 134 2.67 22.52 8.06
N ARG B 135 2.66 22.01 9.28
CA ARG B 135 2.16 20.69 9.62
C ARG B 135 1.71 20.71 11.07
N PRO B 136 0.88 19.75 11.49
CA PRO B 136 0.22 18.70 10.70
C PRO B 136 -0.74 19.28 9.66
N PRO B 137 -1.13 18.47 8.68
CA PRO B 137 -2.07 18.93 7.65
C PRO B 137 -3.48 19.07 8.17
N GLY B 138 -4.39 19.50 7.30
CA GLY B 138 -5.73 19.87 7.69
C GLY B 138 -6.90 19.25 6.95
N HIS B 139 -6.79 18.88 5.67
CA HIS B 139 -7.98 18.80 4.83
C HIS B 139 -8.90 17.62 5.12
N HIS B 140 -8.43 16.60 5.83
CA HIS B 140 -9.29 15.49 6.24
C HIS B 140 -10.04 15.78 7.54
N ALA B 141 -9.67 16.81 8.29
CA ALA B 141 -10.32 17.08 9.56
C ALA B 141 -11.74 17.59 9.32
N GLU B 142 -12.67 17.02 10.07
CA GLU B 142 -14.09 17.33 10.02
C GLU B 142 -14.45 18.25 11.17
N LYS B 143 -15.68 18.78 11.14
CA LYS B 143 -16.15 19.61 12.24
C LYS B 143 -15.92 18.92 13.58
N ASP B 144 -16.23 17.63 13.66
CA ASP B 144 -16.27 16.93 14.94
C ASP B 144 -15.23 15.82 15.08
N THR B 145 -14.28 15.68 14.16
CA THR B 145 -13.34 14.58 14.30
C THR B 145 -12.03 14.84 13.56
N ALA B 146 -10.97 14.20 14.04
CA ALA B 146 -9.67 14.17 13.40
C ALA B 146 -9.62 13.00 12.43
N CYS B 147 -8.78 13.10 11.41
CA CYS B 147 -8.69 12.06 10.40
C CYS B 147 -7.44 12.27 9.53
N GLY B 148 -6.81 11.17 9.11
CA GLY B 148 -5.85 11.27 8.02
C GLY B 148 -4.73 12.25 8.28
N PHE B 149 -4.14 12.18 9.48
CA PHE B 149 -3.01 12.98 9.93
C PHE B 149 -3.41 14.42 10.26
N CYS B 150 -4.70 14.75 10.22
CA CYS B 150 -5.21 16.11 10.36
C CYS B 150 -6.05 16.22 11.63
N PHE B 151 -5.80 17.29 12.40
CA PHE B 151 -6.56 17.58 13.62
C PHE B 151 -7.63 18.63 13.44
N PHE B 152 -7.25 19.77 12.84
CA PHE B 152 -8.14 20.87 12.56
C PHE B 152 -7.97 21.21 11.09
N ASN B 153 -9.03 21.70 10.47
CA ASN B 153 -9.02 21.90 9.04
C ASN B 153 -8.50 23.30 8.76
N THR B 154 -7.17 23.38 8.68
CA THR B 154 -6.46 24.63 8.50
C THR B 154 -7.01 25.46 7.36
N ALA B 155 -7.15 24.85 6.18
CA ALA B 155 -7.64 25.64 5.04
C ALA B 155 -9.08 26.11 5.23
N ALA B 156 -9.97 25.23 5.74
CA ALA B 156 -11.34 25.66 5.99
C ALA B 156 -11.40 26.77 7.02
N LEU B 157 -10.62 26.64 8.10
CA LEU B 157 -10.55 27.67 9.11
C LEU B 157 -10.06 28.98 8.52
N THR B 158 -9.07 28.91 7.64
CA THR B 158 -8.53 30.13 7.02
C THR B 158 -9.59 30.82 6.17
N ALA B 159 -10.40 30.05 5.44
CA ALA B 159 -11.49 30.65 4.68
C ALA B 159 -12.45 31.39 5.61
N ARG B 160 -12.84 30.77 6.72
CA ARG B 160 -13.76 31.42 7.66
C ARG B 160 -13.08 32.58 8.38
N TYR B 161 -11.80 32.44 8.71
CA TYR B 161 -11.07 33.55 9.30
C TYR B 161 -11.04 34.73 8.35
N ALA B 162 -10.77 34.47 7.07
CA ALA B 162 -10.78 35.51 6.06
C ALA B 162 -12.12 36.24 6.02
N GLN B 163 -13.22 35.49 6.02
CA GLN B 163 -14.55 36.09 6.05
C GLN B 163 -14.74 36.92 7.32
N SER B 164 -14.21 36.44 8.44
CA SER B 164 -14.39 37.13 9.72
C SER B 164 -13.70 38.48 9.76
N ILE B 165 -12.66 38.71 8.96
CA ILE B 165 -11.95 39.99 8.95
C ILE B 165 -12.29 40.84 7.72
N THR B 166 -13.22 40.38 6.88
CA THR B 166 -13.64 41.13 5.72
C THR B 166 -15.15 41.23 5.77
N ARG B 167 -15.84 40.34 5.07
CA ARG B 167 -17.29 40.24 5.18
C ARG B 167 -17.68 38.77 5.09
N GLU B 168 -18.82 38.44 5.70
CA GLU B 168 -19.22 37.05 5.81
C GLU B 168 -19.29 36.35 4.46
N SER B 169 -19.69 37.08 3.42
CA SER B 169 -19.89 36.50 2.09
C SER B 169 -18.67 36.58 1.18
N LEU B 170 -17.48 36.91 1.71
CA LEU B 170 -16.28 36.98 0.88
C LEU B 170 -16.15 35.66 0.13
N ARG B 171 -15.95 35.75 -1.18
CA ARG B 171 -15.87 34.58 -2.03
C ARG B 171 -14.48 33.98 -1.94
N VAL B 172 -14.39 32.78 -1.39
CA VAL B 172 -13.12 32.08 -1.24
C VAL B 172 -13.17 30.82 -2.10
N LEU B 173 -12.17 30.67 -2.97
CA LEU B 173 -11.95 29.42 -3.69
C LEU B 173 -10.89 28.62 -2.95
N ILE B 174 -11.19 27.35 -2.68
CA ILE B 174 -10.20 26.41 -2.17
C ILE B 174 -9.94 25.41 -3.28
N VAL B 175 -8.71 25.37 -3.79
CA VAL B 175 -8.30 24.35 -4.75
C VAL B 175 -7.43 23.35 -4.01
N ASP B 176 -7.87 22.10 -3.96
CA ASP B 176 -7.19 21.06 -3.20
C ASP B 176 -6.55 20.08 -4.18
N TRP B 177 -5.24 20.22 -4.37
CA TRP B 177 -4.53 19.36 -5.30
C TRP B 177 -3.71 18.28 -4.62
N ASP B 178 -3.84 18.15 -3.29
CA ASP B 178 -3.38 16.94 -2.62
C ASP B 178 -3.99 15.74 -3.33
N VAL B 179 -3.25 14.62 -3.40
CA VAL B 179 -3.73 13.47 -4.14
C VAL B 179 -4.98 12.85 -3.50
N HIS B 180 -5.23 13.15 -2.23
CA HIS B 180 -6.39 12.63 -1.51
C HIS B 180 -7.52 13.65 -1.50
N HIS B 181 -8.76 13.16 -1.49
CA HIS B 181 -9.92 14.01 -1.33
C HIS B 181 -9.92 14.67 0.04
N GLY B 182 -10.16 15.98 0.08
CA GLY B 182 -10.34 16.70 1.33
C GLY B 182 -11.75 16.58 1.85
N ASN B 183 -12.06 15.40 2.38
CA ASN B 183 -13.43 15.13 2.84
C ASN B 183 -13.89 16.18 3.84
N GLY B 184 -13.01 16.59 4.74
CA GLY B 184 -13.42 17.54 5.75
C GLY B 184 -13.78 18.88 5.14
N THR B 185 -12.97 19.36 4.20
CA THR B 185 -13.25 20.63 3.54
C THR B 185 -14.56 20.56 2.77
N GLN B 186 -14.76 19.48 2.02
CA GLN B 186 -16.03 19.31 1.32
C GLN B 186 -17.20 19.41 2.29
N HIS B 187 -17.13 18.66 3.39
CA HIS B 187 -18.26 18.59 4.29
C HIS B 187 -18.49 19.92 4.99
N ILE B 188 -17.43 20.59 5.42
CA ILE B 188 -17.59 21.86 6.13
C ILE B 188 -18.31 22.87 5.27
N PHE B 189 -18.02 22.90 3.97
CA PHE B 189 -18.60 23.90 3.06
C PHE B 189 -19.70 23.34 2.17
N GLU B 190 -20.20 22.13 2.43
CA GLU B 190 -21.05 21.47 1.45
C GLU B 190 -22.34 22.24 1.17
N GLU B 191 -22.85 22.97 2.16
CA GLU B 191 -24.08 23.74 2.01
C GLU B 191 -23.81 25.22 1.85
N ASP B 192 -22.61 25.60 1.40
N ASP B 192 -22.58 25.58 1.48
CA ASP B 192 -22.16 26.97 1.44
CA ASP B 192 -22.13 26.97 1.42
C ASP B 192 -21.74 27.44 0.05
C ASP B 192 -21.85 27.36 -0.03
N ASP B 193 -22.37 28.51 -0.43
CA ASP B 193 -22.06 29.08 -1.74
C ASP B 193 -21.03 30.19 -1.70
N SER B 194 -20.46 30.50 -0.53
CA SER B 194 -19.43 31.51 -0.43
C SER B 194 -18.04 30.93 -0.53
N VAL B 195 -17.91 29.62 -0.35
CA VAL B 195 -16.64 28.92 -0.44
C VAL B 195 -16.80 27.83 -1.48
N LEU B 196 -16.14 28.02 -2.62
CA LEU B 196 -16.13 27.06 -3.70
C LEU B 196 -14.98 26.09 -3.45
N TYR B 197 -15.30 24.80 -3.33
CA TYR B 197 -14.30 23.76 -3.09
C TYR B 197 -14.10 22.98 -4.37
N ILE B 198 -12.87 22.95 -4.87
CA ILE B 198 -12.50 22.17 -6.05
C ILE B 198 -11.38 21.23 -5.64
N SER B 199 -11.62 19.93 -5.73
CA SER B 199 -10.62 18.93 -5.40
C SER B 199 -10.32 18.06 -6.61
N LEU B 200 -9.03 17.82 -6.85
CA LEU B 200 -8.57 16.77 -7.75
C LEU B 200 -7.97 15.68 -6.88
N HIS B 201 -8.27 14.41 -7.17
CA HIS B 201 -7.83 13.38 -6.26
C HIS B 201 -7.90 12.01 -6.91
N ARG B 202 -6.96 11.16 -6.52
CA ARG B 202 -7.05 9.73 -6.84
C ARG B 202 -8.24 9.14 -6.10
N TYR B 203 -9.11 8.48 -6.86
CA TYR B 203 -10.38 7.99 -6.35
C TYR B 203 -10.49 6.47 -6.43
N GLU B 204 -10.19 5.90 -7.59
CA GLU B 204 -10.25 4.44 -7.80
C GLU B 204 -11.59 3.86 -7.35
N ASP B 205 -12.68 4.47 -7.81
CA ASP B 205 -14.02 3.96 -7.55
C ASP B 205 -14.29 3.85 -6.05
N GLY B 206 -13.72 4.77 -5.27
CA GLY B 206 -13.95 4.80 -3.86
C GLY B 206 -12.97 4.00 -3.04
N ALA B 207 -11.99 3.34 -3.66
CA ALA B 207 -11.09 2.47 -2.93
C ALA B 207 -9.90 3.22 -2.30
N PHE B 208 -9.55 4.39 -2.82
CA PHE B 208 -8.38 5.10 -2.34
C PHE B 208 -8.75 5.93 -1.12
N PHE B 209 -7.82 6.10 -0.19
CA PHE B 209 -8.11 6.88 1.02
C PHE B 209 -8.62 8.25 0.63
N PRO B 210 -9.71 8.77 1.27
CA PRO B 210 -10.36 8.29 2.50
C PRO B 210 -11.51 7.32 2.28
N ASN B 211 -11.55 6.63 1.14
CA ASN B 211 -12.36 5.42 0.97
C ASN B 211 -13.86 5.69 1.00
N SER B 212 -14.29 6.84 0.49
CA SER B 212 -15.69 7.23 0.48
C SER B 212 -16.13 7.68 -0.91
N GLU B 213 -17.36 7.30 -1.29
CA GLU B 213 -17.95 7.79 -2.51
C GLU B 213 -18.34 9.26 -2.44
N ASP B 214 -18.17 9.90 -1.27
CA ASP B 214 -18.38 11.35 -1.18
C ASP B 214 -17.44 12.10 -2.12
N ALA B 215 -16.34 11.48 -2.53
CA ALA B 215 -15.34 12.07 -3.41
C ALA B 215 -15.68 11.97 -4.89
N ASN B 216 -16.82 11.37 -5.25
CA ASN B 216 -17.10 11.20 -6.66
C ASN B 216 -17.64 12.51 -7.27
N TYR B 217 -17.63 12.54 -8.62
CA TYR B 217 -17.95 13.76 -9.35
C TYR B 217 -19.40 14.19 -9.19
N ASP B 218 -20.29 13.29 -8.78
CA ASP B 218 -21.71 13.60 -8.66
C ASP B 218 -22.05 14.31 -7.36
N LYS B 219 -21.06 14.54 -6.50
CA LYS B 219 -21.28 15.27 -5.25
C LYS B 219 -20.98 16.73 -5.55
N VAL B 220 -22.04 17.46 -5.87
CA VAL B 220 -21.94 18.81 -6.37
C VAL B 220 -22.25 19.85 -5.31
N GLY B 221 -22.51 19.43 -4.08
CA GLY B 221 -22.93 20.33 -3.03
C GLY B 221 -24.41 20.10 -2.70
N LEU B 222 -24.82 20.67 -1.57
CA LEU B 222 -26.15 20.47 -1.02
C LEU B 222 -26.78 21.81 -0.71
N GLY B 223 -28.10 21.88 -0.85
CA GLY B 223 -28.81 23.08 -0.44
C GLY B 223 -28.29 24.29 -1.17
N LYS B 224 -28.01 25.33 -0.41
CA LYS B 224 -27.50 26.57 -0.97
C LYS B 224 -26.15 26.35 -1.65
N GLY B 225 -25.45 25.29 -1.29
CA GLY B 225 -24.18 25.00 -1.90
C GLY B 225 -24.21 24.18 -3.17
N ARG B 226 -25.38 23.87 -3.72
CA ARG B 226 -25.42 23.10 -4.95
C ARG B 226 -24.69 23.84 -6.06
N GLY B 227 -23.71 23.16 -6.68
CA GLY B 227 -22.84 23.74 -7.68
C GLY B 227 -21.50 24.19 -7.14
N TYR B 228 -21.34 24.27 -5.82
CA TYR B 228 -20.16 24.89 -5.23
C TYR B 228 -19.21 23.87 -4.64
N ASN B 229 -19.34 22.60 -5.06
CA ASN B 229 -18.43 21.52 -4.69
C ASN B 229 -18.11 20.78 -5.98
N VAL B 230 -16.83 20.82 -6.36
CA VAL B 230 -16.38 20.23 -7.63
C VAL B 230 -15.34 19.17 -7.31
N ASN B 231 -15.70 17.91 -7.48
CA ASN B 231 -14.78 16.79 -7.32
C ASN B 231 -14.34 16.29 -8.68
N ILE B 232 -13.01 16.19 -8.87
CA ILE B 232 -12.41 15.67 -10.09
C ILE B 232 -11.69 14.38 -9.72
N PRO B 233 -12.34 13.22 -9.89
CA PRO B 233 -11.80 11.96 -9.37
C PRO B 233 -11.08 11.18 -10.45
N TRP B 234 -9.89 10.68 -10.14
CA TRP B 234 -9.11 9.93 -11.09
C TRP B 234 -9.21 8.44 -10.80
N ASN B 235 -9.33 7.65 -11.85
CA ASN B 235 -9.45 6.20 -11.77
C ASN B 235 -8.52 5.58 -12.79
N GLY B 236 -7.89 4.47 -12.41
CA GLY B 236 -7.22 3.59 -13.35
C GLY B 236 -6.18 4.27 -14.22
N GLY B 237 -5.25 4.95 -13.59
CA GLY B 237 -4.14 5.56 -14.32
C GLY B 237 -3.18 6.28 -13.41
N LYS B 238 -1.91 6.28 -13.79
CA LYS B 238 -0.86 6.99 -13.08
C LYS B 238 -0.86 8.41 -13.63
N MET B 239 -1.69 9.25 -13.04
CA MET B 239 -1.92 10.55 -13.62
C MET B 239 -0.72 11.46 -13.36
N GLY B 240 -0.56 12.44 -14.22
CA GLY B 240 0.52 13.39 -14.10
C GLY B 240 0.20 14.72 -14.74
N ASP B 241 1.23 15.42 -15.19
CA ASP B 241 1.03 16.77 -15.72
C ASP B 241 -0.01 16.81 -16.83
N PRO B 242 -0.04 15.88 -17.79
CA PRO B 242 -1.03 16.03 -18.87
C PRO B 242 -2.45 16.11 -18.34
N GLU B 243 -2.78 15.24 -17.40
CA GLU B 243 -4.14 15.16 -16.88
C GLU B 243 -4.45 16.36 -15.99
N TYR B 244 -3.48 16.80 -15.19
CA TYR B 244 -3.73 17.96 -14.33
C TYR B 244 -3.88 19.23 -15.15
N MET B 245 -3.05 19.40 -16.18
CA MET B 245 -3.19 20.55 -17.06
C MET B 245 -4.55 20.54 -17.75
N ALA B 246 -4.98 19.37 -18.21
CA ALA B 246 -6.28 19.28 -18.88
C ALA B 246 -7.43 19.58 -17.91
N ALA B 247 -7.34 19.07 -16.67
CA ALA B 247 -8.38 19.37 -15.71
C ALA B 247 -8.44 20.87 -15.40
N PHE B 248 -7.29 21.53 -15.31
CA PHE B 248 -7.30 22.96 -15.08
C PHE B 248 -7.90 23.71 -16.26
N HIS B 249 -7.56 23.30 -17.49
CA HIS B 249 -8.03 24.00 -18.66
C HIS B 249 -9.55 23.88 -18.82
N HIS B 250 -10.07 22.67 -18.67
CA HIS B 250 -11.46 22.41 -18.96
C HIS B 250 -12.39 22.64 -17.77
N LEU B 251 -11.89 22.57 -16.54
CA LEU B 251 -12.75 22.58 -15.35
C LEU B 251 -12.33 23.64 -14.34
N VAL B 252 -11.13 23.54 -13.77
CA VAL B 252 -10.79 24.37 -12.62
C VAL B 252 -10.86 25.84 -12.99
N MET B 253 -10.18 26.22 -14.08
CA MET B 253 -10.06 27.62 -14.42
C MET B 253 -11.37 28.23 -14.93
N PRO B 254 -12.15 27.56 -15.79
CA PRO B 254 -13.41 28.19 -16.20
C PRO B 254 -14.37 28.36 -15.03
N ILE B 255 -14.49 27.36 -14.17
CA ILE B 255 -15.36 27.49 -13.00
C ILE B 255 -14.85 28.59 -12.08
N ALA B 256 -13.54 28.59 -11.81
CA ALA B 256 -13.00 29.60 -10.90
C ALA B 256 -13.24 31.01 -11.44
N ARG B 257 -13.01 31.22 -12.74
CA ARG B 257 -13.21 32.55 -13.30
C ARG B 257 -14.66 32.99 -13.15
N GLU B 258 -15.61 32.07 -13.36
CA GLU B 258 -17.02 32.42 -13.24
C GLU B 258 -17.39 32.73 -11.79
N PHE B 259 -16.83 31.98 -10.83
CA PHE B 259 -17.05 32.26 -9.41
C PHE B 259 -16.48 33.60 -8.99
N ALA B 260 -15.37 34.02 -9.62
CA ALA B 260 -14.69 35.30 -9.35
C ALA B 260 -14.31 35.39 -7.88
N PRO B 261 -13.44 34.52 -7.41
CA PRO B 261 -13.06 34.56 -5.99
C PRO B 261 -12.38 35.87 -5.63
N GLU B 262 -12.51 36.23 -4.36
CA GLU B 262 -11.78 37.34 -3.76
C GLU B 262 -10.53 36.88 -3.01
N LEU B 263 -10.39 35.58 -2.79
CA LEU B 263 -9.22 34.97 -2.18
C LEU B 263 -9.15 33.53 -2.68
N VAL B 264 -7.94 33.08 -3.02
CA VAL B 264 -7.70 31.69 -3.39
C VAL B 264 -6.82 31.05 -2.33
N LEU B 265 -7.29 29.95 -1.77
CA LEU B 265 -6.48 29.09 -0.90
C LEU B 265 -6.19 27.82 -1.67
N VAL B 266 -4.93 27.38 -1.65
CA VAL B 266 -4.56 26.11 -2.23
C VAL B 266 -4.27 25.16 -1.09
N SER B 267 -5.07 24.08 -1.02
CA SER B 267 -4.74 22.93 -0.18
C SER B 267 -3.71 22.16 -0.97
N ALA B 268 -2.45 22.56 -0.76
CA ALA B 268 -1.33 22.14 -1.61
C ALA B 268 -0.62 20.97 -0.96
N GLY B 269 -1.24 19.79 -1.05
CA GLY B 269 -0.46 18.58 -0.83
C GLY B 269 0.42 18.30 -2.02
N PHE B 270 1.57 17.69 -1.78
CA PHE B 270 2.49 17.34 -2.84
C PHE B 270 2.67 15.83 -2.92
N ASP B 271 1.61 15.10 -2.60
CA ASP B 271 1.60 13.65 -2.68
C ASP B 271 1.12 13.10 -4.02
N ALA B 272 0.69 13.95 -4.95
CA ALA B 272 0.55 13.52 -6.34
C ALA B 272 1.86 13.62 -7.09
N ALA B 273 2.95 13.98 -6.40
CA ALA B 273 4.22 14.22 -7.05
C ALA B 273 4.90 12.94 -7.47
N ARG B 274 5.61 13.01 -8.58
CA ARG B 274 6.57 11.98 -8.93
C ARG B 274 7.48 11.72 -7.74
N GLY B 275 7.62 10.46 -7.38
CA GLY B 275 8.42 10.01 -6.27
C GLY B 275 7.68 9.85 -4.95
N ASP B 276 6.44 10.30 -4.84
CA ASP B 276 5.75 10.15 -3.56
C ASP B 276 5.60 8.67 -3.21
N PRO B 277 5.80 8.29 -1.95
CA PRO B 277 5.69 6.87 -1.61
C PRO B 277 4.27 6.37 -1.50
N LEU B 278 3.28 7.25 -1.46
CA LEU B 278 1.88 6.87 -1.31
C LEU B 278 1.00 7.16 -2.52
N GLY B 279 1.19 8.29 -3.20
CA GLY B 279 0.17 8.72 -4.14
C GLY B 279 0.11 7.95 -5.44
N GLY B 280 1.24 7.41 -5.90
CA GLY B 280 1.28 6.66 -7.15
C GLY B 280 1.16 7.50 -8.42
N PHE B 281 1.30 8.81 -8.33
CA PHE B 281 1.13 9.72 -9.44
C PHE B 281 2.48 10.34 -9.82
N GLN B 282 2.48 11.19 -10.85
CA GLN B 282 3.73 11.66 -11.43
C GLN B 282 3.67 13.14 -11.81
N VAL B 283 2.95 13.95 -11.03
CA VAL B 283 3.00 15.40 -11.25
C VAL B 283 4.40 15.91 -10.93
N THR B 284 4.94 16.75 -11.81
CA THR B 284 6.32 17.20 -11.71
C THR B 284 6.37 18.55 -11.00
N PRO B 285 7.56 18.98 -10.55
CA PRO B 285 7.65 20.32 -9.96
C PRO B 285 7.21 21.39 -10.94
N GLU B 286 7.58 21.23 -12.21
CA GLU B 286 7.19 22.17 -13.25
C GLU B 286 5.68 22.16 -13.44
N GLY B 287 5.07 20.99 -13.31
CA GLY B 287 3.62 20.89 -13.31
C GLY B 287 2.98 21.73 -12.22
N TYR B 288 3.44 21.56 -10.98
CA TYR B 288 2.90 22.38 -9.89
C TYR B 288 3.13 23.86 -10.14
N ALA B 289 4.28 24.22 -10.72
CA ALA B 289 4.54 25.61 -11.05
C ALA B 289 3.49 26.14 -12.03
N HIS B 290 3.17 25.36 -13.06
CA HIS B 290 2.15 25.81 -14.01
C HIS B 290 0.79 25.92 -13.34
N LEU B 291 0.42 24.97 -12.48
CA LEU B 291 -0.86 25.09 -11.78
C LEU B 291 -0.91 26.36 -10.94
N THR B 292 0.17 26.66 -10.22
CA THR B 292 0.24 27.87 -9.42
C THR B 292 0.09 29.11 -10.29
N HIS B 293 0.83 29.14 -11.39
CA HIS B 293 0.80 30.30 -12.28
C HIS B 293 -0.60 30.55 -12.82
N GLN B 294 -1.34 29.48 -13.13
CA GLN B 294 -2.73 29.66 -13.56
C GLN B 294 -3.58 30.25 -12.44
N LEU B 295 -3.43 29.76 -11.20
CA LEU B 295 -4.26 30.28 -10.12
C LEU B 295 -3.96 31.74 -9.82
N MET B 296 -2.74 32.20 -10.10
CA MET B 296 -2.37 33.58 -9.88
C MET B 296 -3.16 34.54 -10.76
N SER B 297 -3.82 34.05 -11.80
CA SER B 297 -4.64 34.90 -12.65
C SER B 297 -6.00 35.18 -12.04
N LEU B 298 -6.31 34.58 -10.90
CA LEU B 298 -7.56 34.78 -10.20
C LEU B 298 -7.39 35.73 -9.03
N ALA B 299 -8.51 36.35 -8.62
CA ALA B 299 -8.59 37.06 -7.34
C ALA B 299 -7.55 38.18 -7.24
N ALA B 300 -7.23 38.82 -8.35
CA ALA B 300 -6.22 39.87 -8.36
C ALA B 300 -4.91 39.37 -7.77
N GLY B 301 -4.64 38.07 -7.94
CA GLY B 301 -3.40 37.49 -7.48
C GLY B 301 -3.37 37.06 -6.03
N ARG B 302 -4.48 37.20 -5.31
N ARG B 302 -4.48 37.19 -5.31
CA ARG B 302 -4.53 36.91 -3.88
CA ARG B 302 -4.50 36.91 -3.87
C ARG B 302 -4.63 35.40 -3.66
C ARG B 302 -4.63 35.40 -3.63
N VAL B 303 -3.45 34.76 -3.58
CA VAL B 303 -3.30 33.31 -3.46
C VAL B 303 -2.45 32.99 -2.24
N LEU B 304 -2.95 32.06 -1.41
CA LEU B 304 -2.22 31.51 -0.28
C LEU B 304 -2.09 30.02 -0.49
N ILE B 305 -0.84 29.54 -0.58
CA ILE B 305 -0.54 28.12 -0.78
C ILE B 305 -0.26 27.49 0.58
N ILE B 306 -1.05 26.49 0.97
CA ILE B 306 -1.00 25.87 2.29
C ILE B 306 -0.58 24.41 2.15
N LEU B 307 0.54 24.04 2.78
CA LEU B 307 0.98 22.64 2.70
C LEU B 307 -0.07 21.72 3.31
N GLU B 308 -0.39 20.63 2.59
CA GLU B 308 -1.19 19.53 3.13
C GLU B 308 -0.29 18.30 3.23
N GLY B 309 -0.56 17.23 2.46
CA GLY B 309 0.28 16.05 2.45
C GLY B 309 1.46 16.16 1.48
N GLY B 310 2.04 15.00 1.16
CA GLY B 310 3.29 14.94 0.40
C GLY B 310 4.41 14.40 1.25
N TYR B 311 4.98 13.26 0.83
CA TYR B 311 5.82 12.46 1.71
C TYR B 311 7.18 12.10 1.18
N ASN B 312 7.51 12.41 -0.07
CA ASN B 312 8.89 12.30 -0.53
C ASN B 312 9.54 13.65 -0.25
N LEU B 313 10.47 13.67 0.71
CA LEU B 313 11.05 14.93 1.19
C LEU B 313 11.64 15.73 0.04
N THR B 314 12.36 15.07 -0.85
CA THR B 314 12.93 15.78 -2.00
C THR B 314 11.83 16.29 -2.93
N SER B 315 10.84 15.44 -3.24
CA SER B 315 9.79 15.86 -4.16
C SER B 315 9.02 17.05 -3.62
N ILE B 316 8.65 17.04 -2.34
CA ILE B 316 7.82 18.12 -1.81
C ILE B 316 8.62 19.40 -1.73
N SER B 317 9.92 19.27 -1.44
CA SER B 317 10.78 20.45 -1.32
C SER B 317 10.96 21.12 -2.67
N GLU B 318 11.21 20.33 -3.72
CA GLU B 318 11.34 20.90 -5.05
C GLU B 318 10.01 21.47 -5.53
N SER B 319 8.91 20.74 -5.28
CA SER B 319 7.60 21.15 -5.80
C SER B 319 7.10 22.42 -5.13
N MET B 320 7.15 22.47 -3.80
CA MET B 320 6.62 23.66 -3.15
C MET B 320 7.51 24.87 -3.43
N SER B 321 8.83 24.67 -3.48
N SER B 321 8.83 24.69 -3.48
CA SER B 321 9.73 25.78 -3.83
CA SER B 321 9.70 25.83 -3.78
C SER B 321 9.38 26.35 -5.19
C SER B 321 9.46 26.34 -5.19
N MET B 322 9.11 25.49 -6.17
N MET B 322 9.14 25.45 -6.13
CA MET B 322 8.80 26.02 -7.49
CA MET B 322 8.76 25.92 -7.46
C MET B 322 7.45 26.76 -7.51
C MET B 322 7.52 26.81 -7.40
N CYS B 323 6.53 26.39 -6.61
CA CYS B 323 5.32 27.19 -6.45
C CYS B 323 5.65 28.58 -5.94
N THR B 324 6.53 28.67 -4.95
CA THR B 324 6.90 29.97 -4.41
C THR B 324 7.57 30.83 -5.47
N SER B 325 8.44 30.21 -6.25
CA SER B 325 9.07 30.90 -7.37
C SER B 325 8.03 31.50 -8.30
N MET B 326 6.94 30.78 -8.57
CA MET B 326 5.88 31.35 -9.38
C MET B 326 5.22 32.53 -8.67
N LEU B 327 4.91 32.39 -7.37
CA LEU B 327 4.29 33.49 -6.62
C LEU B 327 5.13 34.74 -6.69
N LEU B 328 6.46 34.57 -6.72
CA LEU B 328 7.41 35.66 -6.77
C LEU B 328 7.51 36.30 -8.14
N GLY B 329 6.83 35.74 -9.15
CA GLY B 329 6.80 36.33 -10.48
C GLY B 329 7.75 35.72 -11.48
N ASP B 330 8.45 34.65 -11.12
CA ASP B 330 9.39 34.04 -12.05
C ASP B 330 8.65 33.38 -13.20
N SER B 331 9.31 33.30 -14.35
N SER B 331 9.31 33.28 -14.34
CA SER B 331 8.64 32.76 -15.53
CA SER B 331 8.66 32.75 -15.53
C SER B 331 8.42 31.26 -15.37
C SER B 331 8.43 31.24 -15.38
N PRO B 332 7.28 30.74 -15.79
CA PRO B 332 7.01 29.30 -15.64
C PRO B 332 8.01 28.45 -16.40
N PRO B 333 8.54 27.39 -15.80
CA PRO B 333 9.49 26.52 -16.49
C PRO B 333 8.77 25.65 -17.50
N SER B 334 9.50 25.23 -18.53
CA SER B 334 8.91 24.35 -19.53
C SER B 334 8.52 23.01 -18.94
N LEU B 335 7.35 22.49 -19.35
CA LEU B 335 6.97 21.13 -19.03
C LEU B 335 7.73 20.15 -19.91
N ASP B 336 7.75 18.88 -19.50
CA ASP B 336 8.24 17.79 -20.32
C ASP B 336 7.25 17.55 -21.46
N HIS B 337 7.63 16.70 -22.41
CA HIS B 337 6.68 16.28 -23.43
C HIS B 337 5.47 15.67 -22.74
N LEU B 338 4.28 16.09 -23.15
CA LEU B 338 3.05 15.59 -22.56
C LEU B 338 2.58 14.38 -23.36
N THR B 339 2.32 13.28 -22.65
CA THR B 339 1.70 12.13 -23.29
C THR B 339 0.22 12.41 -23.53
N PRO B 340 -0.40 11.73 -24.50
CA PRO B 340 -1.85 11.88 -24.68
C PRO B 340 -2.56 11.53 -23.38
N LEU B 341 -3.66 12.25 -23.10
CA LEU B 341 -4.39 12.01 -21.87
C LEU B 341 -4.75 10.54 -21.73
N LYS B 342 -4.59 10.01 -20.54
CA LYS B 342 -5.06 8.67 -20.28
C LYS B 342 -6.57 8.60 -20.50
N THR B 343 -7.01 7.50 -21.09
CA THR B 343 -8.41 7.40 -21.48
C THR B 343 -9.33 7.68 -20.31
N SER B 344 -9.03 7.09 -19.16
CA SER B 344 -9.90 7.26 -18.01
C SER B 344 -9.93 8.70 -17.52
N ALA B 345 -8.86 9.48 -17.78
CA ALA B 345 -8.84 10.87 -17.35
C ALA B 345 -9.79 11.71 -18.20
N THR B 346 -9.86 11.42 -19.50
CA THR B 346 -10.85 12.09 -20.33
C THR B 346 -12.25 11.78 -19.83
N VAL B 347 -12.50 10.52 -19.48
CA VAL B 347 -13.81 10.13 -18.94
C VAL B 347 -14.10 10.89 -17.65
N SER B 348 -13.12 10.95 -16.74
CA SER B 348 -13.34 11.70 -15.51
C SER B 348 -13.70 13.15 -15.80
N ILE B 349 -12.90 13.81 -16.64
CA ILE B 349 -13.16 15.22 -16.93
C ILE B 349 -14.54 15.39 -17.53
N ASN B 350 -14.92 14.53 -18.47
CA ASN B 350 -16.23 14.65 -19.10
C ASN B 350 -17.37 14.41 -18.09
N ASN B 351 -17.17 13.49 -17.15
CA ASN B 351 -18.16 13.27 -16.10
C ASN B 351 -18.35 14.51 -15.24
N VAL B 352 -17.26 15.19 -14.90
CA VAL B 352 -17.37 16.41 -14.12
C VAL B 352 -18.04 17.51 -14.92
N LEU B 353 -17.67 17.64 -16.21
CA LEU B 353 -18.32 18.61 -17.08
C LEU B 353 -19.82 18.41 -17.12
N ARG B 354 -20.26 17.17 -17.24
CA ARG B 354 -21.68 16.90 -17.31
C ARG B 354 -22.36 17.20 -15.98
N ALA B 355 -21.66 16.95 -14.87
CA ALA B 355 -22.24 17.23 -13.55
C ALA B 355 -22.34 18.72 -13.27
N HIS B 356 -21.44 19.52 -13.83
CA HIS B 356 -21.35 20.92 -13.43
C HIS B 356 -21.83 21.92 -14.46
N ALA B 357 -22.01 21.52 -15.72
CA ALA B 357 -22.57 22.39 -16.72
C ALA B 357 -23.90 23.02 -16.28
N PRO B 358 -24.74 22.31 -15.53
CA PRO B 358 -25.98 22.96 -15.05
C PRO B 358 -25.75 24.19 -14.21
N PHE B 359 -24.62 24.26 -13.51
CA PHE B 359 -24.36 25.31 -12.55
C PHE B 359 -23.42 26.39 -13.07
N TRP B 360 -22.65 26.08 -14.10
CA TRP B 360 -21.56 26.96 -14.55
C TRP B 360 -21.69 27.14 -16.06
N SER B 361 -22.15 28.33 -16.48
CA SER B 361 -22.35 28.58 -17.90
CA SER B 361 -22.35 28.58 -17.90
C SER B 361 -21.05 28.54 -18.68
N SER B 362 -19.91 28.75 -18.04
CA SER B 362 -18.64 28.72 -18.76
C SER B 362 -18.31 27.35 -19.31
N LEU B 363 -18.99 26.29 -18.83
CA LEU B 363 -18.71 24.92 -19.23
C LEU B 363 -19.59 24.44 -20.38
N ARG B 364 -20.54 25.26 -20.82
CA ARG B 364 -21.50 24.79 -21.81
C ARG B 364 -21.02 25.06 -23.23
ZN ZN C . 12.49 -23.55 -0.18
K K D . 9.44 -18.67 4.05
K K E . 2.31 -6.59 1.90
CL CL F . 19.51 -23.69 0.02
CL CL G . -3.01 6.47 0.65
CL CL H . -6.80 -51.14 -1.43
C10 FBM I . 16.23 -24.48 -2.85
C02 FBM I . 13.98 -23.52 -2.49
C05 FBM I . 15.27 -23.45 -3.25
C06 FBM I . 15.58 -22.49 -4.16
C07 FBM I . 16.89 -22.52 -4.87
C08 FBM I . 18.01 -23.05 -4.01
C09 FBM I . 17.64 -24.40 -3.42
N03 FBM I . 13.27 -22.38 -2.45
O01 FBM I . 13.54 -24.53 -1.91
O04 FBM I . 12.09 -22.38 -1.74
H1 FBM I . 16.28 -24.42 -1.89
H2 FBM I . 15.87 -25.36 -3.01
H4 FBM I . 14.98 -21.83 -4.43
H6 FBM I . 16.83 -23.02 -5.71
H7 FBM I . 17.06 -21.60 -5.14
H9 FBM I . 18.20 -22.41 -3.30
H8 FBM I . 18.84 -23.09 -4.51
H11 FBM I . 18.28 -24.64 -2.74
H10 FBM I . 17.75 -25.08 -4.09
H12 FBM I . 13.49 -21.64 -2.81
H13 FBM I . 12.25 -22.00 -1.00
C1 EDO J . -16.31 -14.11 -0.47
O1 EDO J . -17.23 -14.44 0.56
C2 EDO J . -15.54 -12.90 0.03
O2 EDO J . -15.41 -13.02 1.45
H11 EDO J . -16.84 -13.86 -1.40
H12 EDO J . -15.63 -14.94 -0.66
HO1 EDO J . -17.75 -15.21 0.29
H21 EDO J . -16.07 -11.99 -0.23
H22 EDO J . -14.55 -12.88 -0.44
HO2 EDO J . -14.91 -12.25 1.79
C1 EDO K . -21.01 -18.29 0.31
O1 EDO K . -20.48 -19.02 1.40
C2 EDO K . -19.91 -17.46 -0.32
O2 EDO K . -19.14 -16.83 0.70
H11 EDO K . -21.80 -17.62 0.67
H12 EDO K . -21.44 -18.96 -0.44
HO1 EDO K . -21.18 -19.55 1.81
H21 EDO K . -20.34 -16.71 -0.97
H22 EDO K . -19.26 -18.11 -0.92
HO2 EDO K . -18.43 -16.31 0.30
C1 EDO L . 5.52 -18.88 -27.91
O1 EDO L . 4.21 -19.41 -28.11
C2 EDO L . 5.46 -17.37 -27.95
O2 EDO L . 6.76 -16.89 -28.35
H11 EDO L . 6.19 -19.24 -28.69
H12 EDO L . 5.91 -19.21 -26.95
HO1 EDO L . 4.25 -20.38 -28.09
H21 EDO L . 5.21 -16.98 -26.96
H22 EDO L . 4.70 -17.04 -28.66
HO2 EDO L . 6.73 -15.92 -28.38
C1 EDO M . 20.99 -27.02 -4.59
O1 EDO M . 20.04 -26.90 -5.65
C2 EDO M . 21.31 -25.65 -4.02
O2 EDO M . 21.37 -24.62 -5.01
H11 EDO M . 21.90 -27.47 -4.97
H12 EDO M . 20.59 -27.66 -3.81
HO1 EDO M . 19.84 -27.77 -6.01
H21 EDO M . 20.56 -25.38 -3.28
H22 EDO M . 22.28 -25.69 -3.50
HO2 EDO M . 21.57 -23.77 -4.60
C1 EDO N . 17.00 -31.69 7.74
O1 EDO N . 18.19 -31.04 7.27
C2 EDO N . 17.14 -32.19 9.18
O2 EDO N . 17.16 -33.61 9.29
H11 EDO N . 16.77 -32.54 7.08
H12 EDO N . 16.16 -30.99 7.68
HO1 EDO N . 18.06 -30.74 6.36
H21 EDO N . 16.31 -31.81 9.77
H22 EDO N . 18.06 -31.79 9.61
HO2 EDO N . 17.25 -33.86 10.21
C1 EDO O . -6.73 -32.30 -12.28
O1 EDO O . -7.01 -31.84 -13.60
C2 EDO O . -6.97 -33.80 -12.18
O2 EDO O . -7.91 -33.98 -11.14
H11 EDO O . -7.37 -31.78 -11.56
H12 EDO O . -5.69 -32.09 -12.02
HO1 EDO O . -6.86 -30.89 -13.65
H21 EDO O . -7.35 -34.18 -13.12
H22 EDO O . -6.04 -34.32 -11.95
HO2 EDO O . -8.10 -34.92 -11.05
C1 EDO P . 3.45 -37.99 11.12
O1 EDO P . 2.17 -38.32 11.66
C2 EDO P . 4.44 -39.15 11.27
O2 EDO P . 5.61 -38.70 11.94
H11 EDO P . 3.35 -37.75 10.06
H12 EDO P . 3.86 -37.12 11.63
HO1 EDO P . 1.58 -37.57 11.56
H21 EDO P . 4.70 -39.55 10.28
H22 EDO P . 3.97 -39.96 11.84
HO2 EDO P . 6.24 -39.43 12.04
C1 EDO Q . 19.35 -25.88 -11.56
O1 EDO Q . 19.78 -25.00 -12.62
C2 EDO Q . 19.35 -25.16 -10.21
O2 EDO Q . 19.83 -26.03 -9.16
H11 EDO Q . 20.03 -26.74 -11.51
H12 EDO Q . 18.36 -26.25 -11.77
HO1 EDO Q . 19.77 -25.49 -13.45
H21 EDO Q . 20.00 -24.28 -10.27
H22 EDO Q . 18.35 -24.82 -9.98
HO2 EDO Q . 19.81 -25.54 -8.31
C1 EDO R . -11.29 -45.25 1.88
O1 EDO R . -11.12 -45.20 3.30
C2 EDO R . -10.23 -44.46 1.10
O2 EDO R . -9.13 -45.24 0.62
H11 EDO R . -11.26 -46.29 1.56
H12 EDO R . -12.27 -44.86 1.62
HO1 EDO R . -11.81 -45.72 3.73
H21 EDO R . -10.71 -43.98 0.25
H22 EDO R . -9.84 -43.67 1.75
HO2 EDO R . -8.51 -44.66 0.15
C1 EDO S . 15.94 -13.48 -20.63
O1 EDO S . 17.32 -13.46 -21.01
C2 EDO S . 15.87 -13.77 -19.13
O2 EDO S . 16.57 -12.76 -18.36
H11 EDO S . 15.48 -12.53 -20.85
H12 EDO S . 15.43 -14.27 -21.18
HO1 EDO S . 17.39 -13.28 -21.95
H21 EDO S . 16.31 -14.75 -18.93
H22 EDO S . 14.83 -13.79 -18.83
HO2 EDO S . 16.50 -12.97 -17.42
ZN ZN T . -2.73 13.47 0.83
K K U . -7.46 16.80 -3.37
K K V . -19.05 24.67 -1.14
CL CL W . 11.04 39.23 6.36
C10 FBM X . -2.02 9.69 3.48
C02 FBM X . -2.84 11.99 3.15
C05 FBM X . -2.99 10.71 3.90
C06 FBM X . -3.96 10.45 4.83
C07 FBM X . -4.02 9.13 5.50
C08 FBM X . -3.57 7.99 4.63
C09 FBM X . -2.20 8.28 4.02
N03 FBM X . -3.93 12.78 3.13
O01 FBM X . -1.83 12.37 2.53
O04 FBM X . -3.86 13.97 2.41
H1 FBM X . -2.09 9.66 2.52
H2 FBM X . -1.12 9.99 3.64
H4 FBM X . -4.58 11.08 5.10
H6 FBM X . -3.52 9.13 6.33
H7 FBM X . -4.94 9.00 5.77
H9 FBM X . -4.23 7.85 3.93
H8 FBM X . -3.57 7.15 5.12
H11 FBM X . -1.50 8.09 4.68
H10 FBM X . -2.03 7.65 3.32
H12 FBM X . -4.69 12.60 3.51
H13 FBM X . -4.31 13.84 1.70
C1 EDO Y . 9.79 12.55 -23.36
O1 EDO Y . 8.97 12.85 -22.21
C2 EDO Y . 11.05 11.81 -22.94
O2 EDO Y . 11.78 12.64 -22.03
H11 EDO Y . 9.22 11.93 -24.06
H12 EDO Y . 10.06 13.48 -23.87
HO1 EDO Y . 8.18 13.33 -22.48
H21 EDO Y . 10.79 10.87 -22.45
H22 EDO Y . 11.66 11.59 -23.82
HO2 EDO Y . 12.59 12.18 -21.75
C1 EDO Z . -19.51 24.99 12.53
O1 EDO Z . -19.52 25.72 11.31
C2 EDO Z . -18.69 25.77 13.57
O2 EDO Z . -18.45 24.94 14.69
H11 EDO Z . -19.07 24.01 12.38
H12 EDO Z . -20.53 24.87 12.89
HO1 EDO Z . -20.03 25.23 10.65
H21 EDO Z . -19.24 26.66 13.88
H22 EDO Z . -17.75 26.08 13.12
HO2 EDO Z . -17.94 25.42 15.34
C1 EDO AA . -1.69 26.94 24.07
O1 EDO AA . -0.94 27.17 25.26
C2 EDO AA . -2.00 25.46 24.04
O2 EDO AA . -0.91 24.75 23.45
H11 EDO AA . -1.11 27.23 23.20
H12 EDO AA . -2.62 27.52 24.09
HO1 EDO AA . -0.72 28.10 25.34
H21 EDO AA . -2.17 25.10 25.05
H22 EDO AA . -2.90 25.29 23.45
HO2 EDO AA . -1.11 23.82 23.44
C1 EDO BA . 15.98 19.06 -1.12
O1 EDO BA . 14.89 18.28 -0.70
C2 EDO BA . 16.58 18.24 -2.20
O2 EDO BA . 16.34 18.90 -3.41
H11 EDO BA . 15.64 20.02 -1.51
H12 EDO BA . 16.68 19.22 -0.30
HO1 EDO BA . 14.42 18.74 0.00
H21 EDO BA . 17.66 18.14 -2.04
H22 EDO BA . 16.15 17.24 -2.21
HO2 EDO BA . 16.72 18.37 -4.13
C1 EDO CA . -22.69 7.75 -3.54
O1 EDO CA . -23.69 8.35 -4.33
C2 EDO CA . -23.10 6.34 -3.24
O2 EDO CA . -22.50 6.04 -2.00
H11 EDO CA . -21.74 7.76 -4.07
H12 EDO CA . -22.57 8.31 -2.60
HO1 EDO CA . -23.44 9.26 -4.54
H21 EDO CA . -22.74 5.67 -4.02
H22 EDO CA . -24.18 6.27 -3.17
HO2 EDO CA . -22.72 5.13 -1.76
C1 EDO DA . -20.80 32.60 -7.72
O1 EDO DA . -21.40 31.55 -8.50
C2 EDO DA . -21.67 33.03 -6.56
O2 EDO DA . -21.13 34.25 -6.04
H11 EDO DA . -20.61 33.46 -8.37
H12 EDO DA . -19.84 32.25 -7.34
HO1 EDO DA . -20.82 31.31 -9.22
H21 EDO DA . -22.69 33.18 -6.89
H22 EDO DA . -21.67 32.26 -5.78
HO2 EDO DA . -21.67 34.55 -5.29
C1 EDO EA . -12.25 17.30 -22.31
O1 EDO EA . -13.49 16.98 -22.94
C2 EDO EA . -11.67 16.00 -21.77
O2 EDO EA . -10.39 15.76 -22.37
H11 EDO EA . -11.57 17.75 -23.04
H12 EDO EA . -12.41 18.01 -21.51
HO1 EDO EA . -13.89 17.78 -23.31
H21 EDO EA . -11.56 16.08 -20.69
H22 EDO EA . -12.34 15.18 -22.00
HO2 EDO EA . -10.03 14.93 -22.01
C1 EDO FA . 12.14 40.43 -0.10
O1 EDO FA . 11.85 40.20 1.27
C2 EDO FA . 13.19 41.49 -0.24
O2 EDO FA . 12.53 42.68 0.06
H11 EDO FA . 11.24 40.75 -0.63
H12 EDO FA . 12.49 39.49 -0.56
HO1 EDO FA . 11.16 39.53 1.35
H21 EDO FA . 14.01 41.31 0.45
H22 EDO FA . 13.59 41.50 -1.26
HO2 EDO FA . 13.15 43.41 -0.02
C1 EDO GA . 5.04 13.80 23.61
O1 EDO GA . 4.21 12.67 23.70
C2 EDO GA . 6.51 13.51 23.76
O2 EDO GA . 7.13 14.78 23.86
H11 EDO GA . 4.88 14.29 22.64
H12 EDO GA . 4.74 14.53 24.38
HO1 EDO GA . 3.28 12.92 23.58
H21 EDO GA . 6.89 12.97 22.90
H22 EDO GA . 6.70 12.92 24.66
HO2 EDO GA . 8.08 14.67 23.98
C1 EDO HA . 2.04 32.43 20.12
O1 EDO HA . 0.96 32.78 19.26
C2 EDO HA . 3.31 32.08 19.36
O2 EDO HA . 3.36 30.67 19.18
H11 EDO HA . 1.75 31.58 20.74
H12 EDO HA . 2.25 33.27 20.79
HO1 EDO HA . 0.18 32.99 19.80
H21 EDO HA . 3.31 32.58 18.38
H22 EDO HA . 4.19 32.42 19.91
HO2 EDO HA . 4.15 30.42 18.70
C1 EDO IA . -1.45 6.51 10.48
O1 EDO IA . -0.57 5.82 9.58
C2 EDO IA . -1.81 5.63 11.69
O2 EDO IA . -1.37 6.30 12.88
H11 EDO IA . -0.97 7.42 10.83
H12 EDO IA . -2.37 6.78 9.97
HO1 EDO IA . -0.37 6.40 8.83
H21 EDO IA . -1.30 4.66 11.61
H22 EDO IA . -2.88 5.45 11.72
HO2 EDO IA . -1.59 5.76 13.65
C1 EDO JA . 2.71 38.85 -8.46
O1 EDO JA . 2.26 39.17 -9.75
C2 EDO JA . 3.98 38.03 -8.60
O2 EDO JA . 4.91 38.47 -7.61
H11 EDO JA . 2.93 39.76 -7.89
H12 EDO JA . 1.95 38.28 -7.92
HO1 EDO JA . 1.45 39.70 -9.69
H21 EDO JA . 3.76 36.96 -8.44
H22 EDO JA . 4.40 38.14 -9.60
HO2 EDO JA . 5.73 37.95 -7.68
C1 PEG KA . -25.26 17.17 -11.03
O1 PEG KA . -25.55 17.71 -12.24
C2 PEG KA . -25.00 15.69 -11.22
O2 PEG KA . -24.55 15.11 -9.98
C3 PEG KA . -25.58 14.84 -9.03
C4 PEG KA . -26.55 13.78 -9.65
O4 PEG KA . -26.80 12.80 -8.74
H11 PEG KA . -24.46 17.58 -10.65
H12 PEG KA . -25.97 17.32 -10.40
HO1 PEG KA . -25.58 18.54 -12.14
H21 PEG KA . -25.85 15.30 -11.50
H22 PEG KA . -24.36 15.51 -11.92
H31 PEG KA . -26.03 15.67 -8.78
H32 PEG KA . -25.22 14.45 -8.21
H41 PEG KA . -27.38 14.20 -9.95
H42 PEG KA . -26.12 13.42 -10.45
HO4 PEG KA . -27.18 13.18 -8.07
#